data_5ZBN
#
_entry.id   5ZBN
#
_cell.length_a   145.351
_cell.length_b   145.351
_cell.length_c   156.904
_cell.angle_alpha   90.00
_cell.angle_beta   90.00
_cell.angle_gamma   90.00
#
_symmetry.space_group_name_H-M   'I 4'
#
loop_
_entity.id
_entity.type
_entity.pdbx_description
1 polymer 'Glycolate oxidase'
2 non-polymer 'PHOSPHATE ION'
3 water water
#
_entity_poly.entity_id   1
_entity_poly.type   'polypeptide(L)'
_entity_poly.pdbx_seq_one_letter_code
;MEEVTNVMEYEAIAKKKLPKMVFDYYASGAEDQWTLAENRNAFSRILFRPRILIDVSKIDMSTTVLGFKISMPIMIAPTA
MQKMAHPEGEYATARAASAAGTIMTLSSWATSSVEEVASTGPGIRFFQLYVYKDRNVVAQLVRRAERAGFKAIALTVDTP
RLGRREADIKNRFVLPPFLTLKNFEGLDLGKMDQASDSGLASYVAGQIDRTLSWKDVQWLQTITSLPILVKGVLTAEDAR
LAVQAGAAGIIVSNHGARQLDYVPSTIMALEEVVKAAQGRIPVFLDGGVRRGTDVFKALALGASGIFIGRPVVFSLAAEG
EAGIKKVLQMLRDEFELTMALSGCRSLNEITRNHIVTEWDAPRAALPAPRL
;
_entity_poly.pdbx_strand_id   A,B,C
#
# COMPACT_ATOMS: atom_id res chain seq x y z
N GLU A 2 33.36 -0.32 26.85
CA GLU A 2 32.16 -0.70 27.65
C GLU A 2 31.55 -2.01 27.16
N GLU A 3 30.68 -2.60 27.98
CA GLU A 3 30.01 -3.86 27.66
C GLU A 3 28.66 -4.00 28.35
N VAL A 4 27.61 -4.13 27.55
CA VAL A 4 26.27 -4.43 28.07
C VAL A 4 26.10 -5.95 28.13
N THR A 5 25.82 -6.47 29.32
CA THR A 5 25.71 -7.92 29.52
C THR A 5 24.28 -8.42 29.74
N ASN A 6 23.41 -7.53 30.22
CA ASN A 6 22.00 -7.90 30.41
C ASN A 6 20.98 -6.88 29.87
N VAL A 7 19.74 -7.36 29.73
CA VAL A 7 18.62 -6.60 29.20
C VAL A 7 18.27 -5.34 30.02
N MET A 8 18.38 -5.45 31.35
CA MET A 8 18.03 -4.37 32.26
C MET A 8 19.12 -3.29 32.41
N GLU A 9 20.24 -3.49 31.72
CA GLU A 9 21.41 -2.60 31.78
C GLU A 9 21.27 -1.45 30.78
N TYR A 10 20.38 -1.63 29.80
CA TYR A 10 20.02 -0.59 28.86
C TYR A 10 19.20 0.50 29.53
N GLU A 11 18.55 0.13 30.63
CA GLU A 11 17.70 1.02 31.38
C GLU A 11 18.43 2.29 31.90
N ALA A 12 19.68 2.13 32.31
CA ALA A 12 20.52 3.24 32.78
C ALA A 12 20.98 4.15 31.63
N ILE A 13 21.49 3.54 30.56
CA ILE A 13 21.90 4.26 29.35
C ILE A 13 20.78 5.10 28.76
N ALA A 14 19.56 4.56 28.77
CA ALA A 14 18.39 5.30 28.28
C ALA A 14 17.98 6.45 29.21
N LYS A 15 18.13 6.23 30.52
CA LYS A 15 17.87 7.29 31.48
C LYS A 15 18.79 8.51 31.21
N LYS A 16 20.07 8.26 30.99
CA LYS A 16 21.03 9.31 30.65
C LYS A 16 20.67 9.99 29.33
N LYS A 17 20.55 9.18 28.28
CA LYS A 17 20.34 9.65 26.91
C LYS A 17 19.11 10.50 26.72
N LEU A 18 18.04 10.18 27.44
CA LEU A 18 16.73 10.80 27.20
C LEU A 18 16.37 11.85 28.23
N PRO A 19 15.59 12.88 27.81
CA PRO A 19 15.01 13.82 28.77
C PRO A 19 14.21 13.06 29.82
N LYS A 20 14.25 13.52 31.06
CA LYS A 20 13.59 12.85 32.18
C LYS A 20 12.14 12.41 31.88
N MET A 21 11.33 13.33 31.34
CA MET A 21 9.91 13.07 31.08
C MET A 21 9.68 11.96 30.06
N VAL A 22 10.54 11.92 29.05
CA VAL A 22 10.49 10.90 28.01
C VAL A 22 10.78 9.53 28.62
N PHE A 23 11.83 9.47 29.46
CA PHE A 23 12.22 8.21 30.07
C PHE A 23 11.16 7.73 31.07
N ASP A 24 10.64 8.63 31.90
CA ASP A 24 9.60 8.30 32.86
C ASP A 24 8.31 7.81 32.18
N TYR A 25 7.91 8.51 31.12
CA TYR A 25 6.80 8.08 30.29
C TYR A 25 6.93 6.62 29.85
N TYR A 26 8.13 6.19 29.48
CA TYR A 26 8.33 4.80 29.11
C TYR A 26 8.52 3.88 30.31
N ALA A 27 9.30 4.32 31.30
CA ALA A 27 9.64 3.47 32.44
C ALA A 27 8.44 3.23 33.33
N SER A 28 7.57 4.23 33.42
CA SER A 28 6.51 4.25 34.40
C SER A 28 5.15 4.46 33.76
N GLY A 29 5.15 4.66 32.44
CA GLY A 29 3.90 4.76 31.69
C GLY A 29 3.41 6.19 31.66
N ALA A 30 2.34 6.41 30.89
CA ALA A 30 1.74 7.74 30.74
C ALA A 30 1.64 8.51 32.06
N GLU A 31 1.09 7.87 33.09
CA GLU A 31 1.06 8.43 34.44
C GLU A 31 2.25 7.86 35.19
N ASP A 32 2.35 8.08 36.50
CA ASP A 32 3.47 7.49 37.24
C ASP A 32 3.10 6.17 37.90
N GLN A 33 2.16 5.44 37.29
CA GLN A 33 1.49 4.32 37.95
C GLN A 33 2.25 2.99 37.94
N TRP A 34 3.10 2.77 36.93
CA TRP A 34 3.75 1.47 36.81
C TRP A 34 4.92 1.36 37.72
N THR A 35 5.34 0.14 37.99
CA THR A 35 6.63 -0.12 38.60
C THR A 35 7.59 -0.77 37.59
N LEU A 36 8.86 -0.35 37.66
CA LEU A 36 9.94 -0.95 36.88
C LEU A 36 10.33 -2.36 37.37
N ALA A 37 10.08 -2.65 38.64
CA ALA A 37 10.38 -3.96 39.22
C ALA A 37 9.27 -5.01 38.98
N GLU A 38 8.40 -4.76 38.00
CA GLU A 38 7.25 -5.64 37.74
C GLU A 38 7.68 -7.09 37.59
N ASN A 39 7.00 -7.95 38.35
CA ASN A 39 7.12 -9.41 38.34
C ASN A 39 8.44 -10.01 38.80
N ARG A 40 9.42 -9.16 39.08
CA ARG A 40 10.75 -9.59 39.48
C ARG A 40 10.75 -10.44 40.77
N ASN A 41 9.91 -10.06 41.72
CA ASN A 41 9.75 -10.84 42.96
C ASN A 41 9.04 -12.20 42.71
N ALA A 42 7.90 -12.15 42.02
CA ALA A 42 7.14 -13.34 41.67
C ALA A 42 7.99 -14.37 40.89
N PHE A 43 8.68 -13.91 39.85
CA PHE A 43 9.59 -14.75 39.07
C PHE A 43 10.68 -15.35 39.95
N SER A 44 11.20 -14.55 40.88
CA SER A 44 12.21 -15.01 41.85
C SER A 44 11.76 -16.22 42.67
N ARG A 45 10.47 -16.27 42.97
CA ARG A 45 9.93 -17.31 43.85
C ARG A 45 9.44 -18.56 43.11
N ILE A 46 9.81 -18.67 41.83
CA ILE A 46 9.57 -19.89 41.05
C ILE A 46 10.92 -20.55 40.85
N LEU A 47 11.02 -21.82 41.20
CA LEU A 47 12.28 -22.56 41.10
C LEU A 47 12.17 -23.62 40.01
N PHE A 48 13.32 -24.15 39.59
CA PHE A 48 13.40 -25.13 38.51
C PHE A 48 13.44 -26.58 39.00
N ARG A 49 12.94 -27.51 38.18
CA ARG A 49 13.09 -28.94 38.46
C ARG A 49 13.80 -29.57 37.27
N PRO A 50 15.14 -29.49 37.21
CA PRO A 50 15.87 -29.91 36.00
C PRO A 50 15.91 -31.42 35.82
N ARG A 51 15.85 -31.85 34.57
CA ARG A 51 16.02 -33.26 34.24
C ARG A 51 17.42 -33.43 33.67
N ILE A 52 18.02 -34.59 33.91
CA ILE A 52 19.39 -34.85 33.48
C ILE A 52 19.40 -35.96 32.45
N LEU A 53 20.56 -36.12 31.80
CA LEU A 53 20.79 -37.19 30.86
C LEU A 53 19.78 -37.18 29.72
N ILE A 54 19.43 -35.97 29.28
CA ILE A 54 18.68 -35.76 28.04
C ILE A 54 19.57 -34.96 27.10
N ASP A 55 19.72 -35.45 25.87
CA ASP A 55 20.56 -34.80 24.85
C ASP A 55 19.97 -33.44 24.43
N VAL A 56 20.60 -32.37 24.90
CA VAL A 56 20.15 -31.00 24.62
C VAL A 56 21.18 -30.20 23.81
N SER A 57 22.11 -30.90 23.18
CA SER A 57 23.11 -30.27 22.30
C SER A 57 22.48 -29.39 21.21
N LYS A 58 21.27 -29.76 20.79
CA LYS A 58 20.51 -28.97 19.81
C LYS A 58 19.15 -28.56 20.39
N ILE A 59 18.98 -27.28 20.70
CA ILE A 59 17.71 -26.76 21.19
C ILE A 59 16.89 -26.10 20.07
N ASP A 60 15.67 -26.57 19.87
CA ASP A 60 14.72 -25.92 18.97
C ASP A 60 13.75 -25.06 19.80
N MET A 61 13.79 -23.75 19.59
CA MET A 61 12.88 -22.85 20.29
C MET A 61 11.88 -22.16 19.38
N SER A 62 11.87 -22.54 18.11
CA SER A 62 10.91 -22.00 17.15
C SER A 62 9.49 -22.34 17.57
N THR A 63 8.53 -21.51 17.17
CA THR A 63 7.13 -21.79 17.43
C THR A 63 6.22 -21.16 16.39
N THR A 64 4.94 -21.43 16.53
CA THR A 64 3.95 -20.91 15.64
C THR A 64 3.00 -20.05 16.44
N VAL A 65 2.74 -18.86 15.91
CA VAL A 65 1.84 -17.93 16.56
C VAL A 65 0.81 -17.50 15.53
N LEU A 66 -0.43 -17.91 15.77
CA LEU A 66 -1.57 -17.62 14.88
C LEU A 66 -1.33 -18.12 13.47
N GLY A 67 -0.68 -19.28 13.36
CA GLY A 67 -0.34 -19.85 12.06
C GLY A 67 1.01 -19.41 11.51
N PHE A 68 1.60 -18.36 12.09
CA PHE A 68 2.89 -17.84 11.63
C PHE A 68 4.11 -18.39 12.38
N LYS A 69 5.00 -19.03 11.65
CA LYS A 69 6.26 -19.54 12.21
C LYS A 69 7.15 -18.39 12.64
N ILE A 70 7.64 -18.43 13.88
CA ILE A 70 8.63 -17.45 14.34
C ILE A 70 9.80 -18.16 15.03
N SER A 71 10.93 -17.48 15.15
CA SER A 71 12.17 -18.12 15.60
C SER A 71 12.27 -18.37 17.12
N MET A 72 11.39 -17.74 17.89
CA MET A 72 11.48 -17.80 19.35
C MET A 72 10.17 -17.28 19.93
N PRO A 73 9.78 -17.74 21.14
CA PRO A 73 8.50 -17.35 21.71
C PRO A 73 8.57 -15.99 22.38
N ILE A 74 9.33 -15.08 21.77
CA ILE A 74 9.67 -13.78 22.34
C ILE A 74 9.33 -12.75 21.28
N MET A 75 8.38 -11.88 21.59
CA MET A 75 7.84 -10.90 20.65
C MET A 75 7.90 -9.47 21.21
N ILE A 76 7.72 -8.48 20.35
CA ILE A 76 7.83 -7.09 20.78
C ILE A 76 6.49 -6.43 21.04
N ALA A 77 6.33 -5.87 22.24
CA ALA A 77 5.13 -5.15 22.66
C ALA A 77 5.11 -3.73 22.12
N PRO A 78 3.91 -3.13 21.96
CA PRO A 78 3.84 -1.76 21.48
C PRO A 78 4.31 -0.76 22.53
N THR A 79 5.15 0.19 22.11
CA THR A 79 5.44 1.37 22.90
C THR A 79 5.34 2.54 21.96
N ALA A 80 4.59 3.54 22.40
CA ALA A 80 4.15 4.66 21.58
C ALA A 80 5.28 5.60 21.17
N MET A 81 5.07 6.26 20.03
CA MET A 81 5.91 7.38 19.56
C MET A 81 7.41 7.11 19.69
N GLN A 82 7.89 6.06 19.04
CA GLN A 82 9.29 5.64 19.22
C GLN A 82 10.34 6.61 18.66
N LYS A 83 9.93 7.50 17.77
CA LYS A 83 10.86 8.55 17.27
C LYS A 83 11.29 9.53 18.35
N MET A 84 10.54 9.59 19.44
CA MET A 84 10.98 10.31 20.64
C MET A 84 12.19 9.63 21.26
N ALA A 85 12.26 8.31 21.14
CA ALA A 85 13.35 7.55 21.77
C ALA A 85 14.61 7.49 20.91
N HIS A 86 14.44 7.58 19.59
CA HIS A 86 15.53 7.50 18.60
C HIS A 86 15.01 7.92 17.25
N PRO A 87 15.81 8.70 16.48
CA PRO A 87 15.37 9.24 15.19
C PRO A 87 14.75 8.24 14.19
N GLU A 88 15.23 7.00 14.18
CA GLU A 88 14.70 5.97 13.30
C GLU A 88 13.42 5.34 13.82
N GLY A 89 13.17 5.46 15.13
CA GLY A 89 11.88 5.06 15.72
C GLY A 89 11.43 3.67 15.34
N GLU A 90 10.15 3.56 14.99
CA GLU A 90 9.52 2.28 14.63
C GLU A 90 10.20 1.56 13.47
N TYR A 91 10.76 2.33 12.52
CA TYR A 91 11.58 1.78 11.45
C TYR A 91 12.67 0.85 11.99
N ALA A 92 13.34 1.27 13.06
CA ALA A 92 14.42 0.47 13.63
C ALA A 92 13.89 -0.80 14.31
N THR A 93 12.74 -0.68 14.98
CA THR A 93 12.06 -1.78 15.69
C THR A 93 11.58 -2.81 14.70
N ALA A 94 10.97 -2.34 13.61
CA ALA A 94 10.48 -3.22 12.56
C ALA A 94 11.61 -4.01 11.90
N ARG A 95 12.74 -3.35 11.61
CA ARG A 95 13.87 -4.04 10.96
C ARG A 95 14.52 -5.08 11.87
N ALA A 96 14.75 -4.73 13.13
CA ALA A 96 15.32 -5.67 14.10
C ALA A 96 14.44 -6.91 14.36
N ALA A 97 13.12 -6.70 14.47
CA ALA A 97 12.13 -7.78 14.63
C ALA A 97 12.19 -8.72 13.43
N SER A 98 12.14 -8.14 12.25
CA SER A 98 12.29 -8.88 10.99
C SER A 98 13.57 -9.70 10.94
N ALA A 99 14.68 -9.06 11.34
CA ALA A 99 15.99 -9.70 11.29
C ALA A 99 16.06 -10.84 12.32
N ALA A 100 15.52 -10.63 13.51
CA ALA A 100 15.46 -11.68 14.52
C ALA A 100 14.41 -12.77 14.22
N GLY A 101 13.55 -12.54 13.22
CA GLY A 101 12.57 -13.56 12.83
C GLY A 101 11.41 -13.67 13.81
N THR A 102 11.02 -12.53 14.40
CA THR A 102 9.91 -12.49 15.34
C THR A 102 8.85 -11.45 15.00
N ILE A 103 7.88 -11.27 15.89
CA ILE A 103 6.75 -10.38 15.67
C ILE A 103 6.92 -9.07 16.42
N MET A 104 6.57 -7.98 15.73
CA MET A 104 6.49 -6.66 16.31
C MET A 104 5.01 -6.27 16.37
N THR A 105 4.60 -5.66 17.48
CA THR A 105 3.27 -5.05 17.56
C THR A 105 3.49 -3.57 17.47
N LEU A 106 2.81 -2.92 16.53
CA LEU A 106 2.98 -1.50 16.35
C LEU A 106 1.94 -0.76 17.18
N SER A 107 2.40 0.23 17.93
CA SER A 107 1.53 1.06 18.75
C SER A 107 0.55 1.84 17.90
N SER A 108 -0.67 1.98 18.43
CA SER A 108 -1.70 2.80 17.82
C SER A 108 -1.18 4.23 17.72
N TRP A 109 -0.32 4.57 18.66
CA TRP A 109 0.23 5.90 18.80
C TRP A 109 1.63 5.99 18.26
N ALA A 110 1.93 5.20 17.24
CA ALA A 110 3.28 5.23 16.66
C ALA A 110 3.57 6.54 15.94
N THR A 111 4.82 6.97 15.99
CA THR A 111 5.30 8.08 15.15
C THR A 111 5.59 7.63 13.70
N SER A 112 5.23 6.39 13.38
CA SER A 112 5.36 5.86 12.03
C SER A 112 4.14 5.03 11.72
N SER A 113 3.67 5.11 10.48
CA SER A 113 2.44 4.46 10.08
C SER A 113 2.65 2.98 9.82
N VAL A 114 1.53 2.25 9.71
CA VAL A 114 1.54 0.85 9.33
C VAL A 114 2.26 0.64 7.98
N GLU A 115 1.96 1.45 6.98
CA GLU A 115 2.63 1.28 5.67
C GLU A 115 4.13 1.67 5.64
N GLU A 116 4.53 2.67 6.44
CA GLU A 116 5.96 2.96 6.62
C GLU A 116 6.69 1.74 7.19
N VAL A 117 6.12 1.15 8.23
CA VAL A 117 6.64 -0.07 8.85
C VAL A 117 6.75 -1.17 7.80
N ALA A 118 5.68 -1.35 7.03
CA ALA A 118 5.68 -2.34 5.95
C ALA A 118 6.69 -2.04 4.85
N SER A 119 6.99 -0.75 4.63
CA SER A 119 7.91 -0.37 3.55
C SER A 119 9.32 -0.87 3.81
N THR A 120 9.62 -1.20 5.07
CA THR A 120 10.94 -1.69 5.47
C THR A 120 11.21 -3.11 5.02
N GLY A 121 10.16 -3.83 4.61
CA GLY A 121 10.34 -5.19 4.11
C GLY A 121 9.41 -6.20 4.74
N PRO A 122 9.60 -7.49 4.40
CA PRO A 122 8.76 -8.58 4.88
C PRO A 122 8.88 -8.77 6.39
N GLY A 123 7.78 -9.14 7.02
CA GLY A 123 7.76 -9.41 8.45
C GLY A 123 6.34 -9.53 8.91
N ILE A 124 6.14 -10.36 9.94
CA ILE A 124 4.83 -10.57 10.54
C ILE A 124 4.66 -9.50 11.60
N ARG A 125 3.58 -8.74 11.51
CA ARG A 125 3.36 -7.66 12.44
C ARG A 125 1.92 -7.66 12.94
N PHE A 126 1.73 -7.19 14.18
CA PHE A 126 0.41 -7.06 14.75
C PHE A 126 0.20 -5.57 14.96
N PHE A 127 -1.04 -5.12 15.06
CA PHE A 127 -1.32 -3.70 15.30
CA PHE A 127 -1.22 -3.72 15.38
C PHE A 127 -2.14 -3.50 16.56
N GLN A 128 -1.70 -2.58 17.41
CA GLN A 128 -2.42 -2.23 18.60
C GLN A 128 -3.62 -1.39 18.24
N LEU A 129 -4.76 -1.75 18.81
CA LEU A 129 -5.98 -1.03 18.55
C LEU A 129 -6.61 -0.66 19.87
N TYR A 130 -7.08 0.58 19.95
CA TYR A 130 -8.06 0.95 20.96
C TYR A 130 -9.35 1.08 20.20
N VAL A 131 -10.47 0.77 20.85
CA VAL A 131 -11.75 1.07 20.23
C VAL A 131 -12.03 2.54 20.53
N TYR A 132 -12.06 3.34 19.47
CA TYR A 132 -12.35 4.75 19.65
C TYR A 132 -13.84 4.98 19.59
N LYS A 133 -14.31 6.10 20.15
CA LYS A 133 -15.74 6.45 20.12
C LYS A 133 -16.31 6.48 18.70
N ASP A 134 -15.54 7.00 17.75
CA ASP A 134 -15.93 6.99 16.33
C ASP A 134 -15.59 5.64 15.70
N ARG A 135 -16.61 4.81 15.48
CA ARG A 135 -16.39 3.45 15.02
C ARG A 135 -15.87 3.42 13.58
N ASN A 136 -16.23 4.44 12.81
CA ASN A 136 -15.72 4.61 11.45
C ASN A 136 -14.21 4.88 11.40
N VAL A 137 -13.68 5.48 12.46
CA VAL A 137 -12.24 5.69 12.55
C VAL A 137 -11.52 4.36 12.83
N VAL A 138 -12.09 3.56 13.72
CA VAL A 138 -11.62 2.20 13.93
C VAL A 138 -11.55 1.48 12.58
N ALA A 139 -12.65 1.59 11.82
CA ALA A 139 -12.75 0.98 10.49
C ALA A 139 -11.61 1.35 9.57
N GLN A 140 -11.27 2.63 9.54
CA GLN A 140 -10.16 3.13 8.72
C GLN A 140 -8.80 2.62 9.18
N LEU A 141 -8.59 2.50 10.49
CA LEU A 141 -7.31 2.02 11.03
C LEU A 141 -7.11 0.55 10.69
N VAL A 142 -8.18 -0.23 10.83
CA VAL A 142 -8.16 -1.65 10.57
C VAL A 142 -7.87 -1.92 9.09
N ARG A 143 -8.54 -1.18 8.21
CA ARG A 143 -8.34 -1.28 6.77
C ARG A 143 -6.92 -0.90 6.31
N ARG A 144 -6.40 0.21 6.84
CA ARG A 144 -5.01 0.61 6.60
C ARG A 144 -4.02 -0.47 7.03
N ALA A 145 -4.21 -1.02 8.24
CA ALA A 145 -3.36 -2.13 8.69
C ALA A 145 -3.52 -3.39 7.84
N GLU A 146 -4.74 -3.67 7.39
CA GLU A 146 -4.96 -4.84 6.50
C GLU A 146 -4.15 -4.69 5.21
N ARG A 147 -4.26 -3.51 4.61
CA ARG A 147 -3.60 -3.15 3.36
C ARG A 147 -2.08 -3.19 3.51
N ALA A 148 -1.59 -2.80 4.70
CA ALA A 148 -0.15 -2.83 4.98
C ALA A 148 0.38 -4.24 5.30
N GLY A 149 -0.50 -5.24 5.25
CA GLY A 149 -0.06 -6.62 5.45
C GLY A 149 0.02 -7.13 6.87
N PHE A 150 -0.58 -6.40 7.81
CA PHE A 150 -0.58 -6.79 9.23
C PHE A 150 -1.49 -7.99 9.47
N LYS A 151 -1.16 -8.78 10.50
CA LYS A 151 -1.72 -10.11 10.64
C LYS A 151 -2.74 -10.28 11.78
N ALA A 152 -2.71 -9.40 12.77
CA ALA A 152 -3.58 -9.52 13.94
C ALA A 152 -3.77 -8.21 14.66
N ILE A 153 -4.92 -8.09 15.33
CA ILE A 153 -5.27 -6.97 16.17
C ILE A 153 -4.91 -7.29 17.61
N ALA A 154 -4.05 -6.46 18.22
CA ALA A 154 -3.87 -6.52 19.67
C ALA A 154 -4.76 -5.46 20.32
N LEU A 155 -5.91 -5.91 20.81
CA LEU A 155 -6.92 -5.01 21.37
C LEU A 155 -6.56 -4.64 22.79
N THR A 156 -6.31 -3.36 23.02
CA THR A 156 -6.15 -2.87 24.38
C THR A 156 -7.51 -2.40 24.88
N VAL A 157 -7.82 -2.81 26.09
CA VAL A 157 -9.17 -2.68 26.60
C VAL A 157 -9.29 -1.72 27.80
N ASP A 158 -8.17 -1.22 28.30
CA ASP A 158 -8.19 -0.22 29.37
C ASP A 158 -8.38 1.21 28.83
N THR A 159 -8.41 2.18 29.74
CA THR A 159 -8.30 3.60 29.40
C THR A 159 -7.06 4.16 30.08
N PRO A 160 -6.12 4.73 29.30
CA PRO A 160 -4.89 5.34 29.86
C PRO A 160 -5.13 6.67 30.57
N ARG A 161 -6.38 6.91 30.98
CA ARG A 161 -6.81 8.16 31.59
C ARG A 161 -7.03 8.01 33.09
N LEU A 162 -7.08 6.76 33.56
CA LEU A 162 -7.33 6.43 34.97
C LEU A 162 -6.08 6.59 35.83
N ILE A 169 -1.30 15.01 33.63
CA ILE A 169 -0.53 14.33 34.67
C ILE A 169 0.97 14.72 34.57
N LYS A 170 1.80 14.13 35.44
CA LYS A 170 3.20 14.54 35.61
C LYS A 170 4.19 14.04 34.56
N ASN A 171 3.85 12.96 33.84
CA ASN A 171 4.77 12.36 32.88
C ASN A 171 4.48 12.67 31.40
N ARG A 172 3.82 13.80 31.15
CA ARG A 172 3.46 14.21 29.79
C ARG A 172 4.52 15.09 29.14
N PHE A 173 4.69 14.91 27.83
CA PHE A 173 5.51 15.80 27.01
C PHE A 173 4.78 16.08 25.70
N VAL A 174 5.28 17.04 24.94
CA VAL A 174 4.72 17.31 23.63
C VAL A 174 5.60 16.64 22.59
N LEU A 175 4.96 16.04 21.59
CA LEU A 175 5.64 15.72 20.35
C LEU A 175 6.07 17.02 19.70
N PRO A 176 7.34 17.12 19.29
CA PRO A 176 7.80 18.24 18.47
C PRO A 176 7.02 18.30 17.15
N PRO A 177 7.01 19.49 16.49
CA PRO A 177 6.19 19.69 15.30
C PRO A 177 6.47 18.71 14.17
N PHE A 178 7.73 18.30 14.00
CA PHE A 178 8.09 17.35 12.93
C PHE A 178 7.58 15.90 13.13
N LEU A 179 7.00 15.61 14.28
CA LEU A 179 6.52 14.26 14.59
C LEU A 179 5.02 14.25 14.84
N THR A 180 4.35 13.21 14.36
CA THR A 180 2.91 13.09 14.56
C THR A 180 2.52 11.66 14.86
N LEU A 181 1.24 11.49 15.17
CA LEU A 181 0.61 10.20 15.32
C LEU A 181 0.19 9.72 13.92
N LYS A 182 1.16 9.14 13.21
CA LYS A 182 1.08 8.81 11.77
C LYS A 182 -0.06 7.87 11.36
N ASN A 183 -0.54 7.03 12.27
CA ASN A 183 -1.65 6.15 11.92
C ASN A 183 -2.97 6.89 11.78
N PHE A 184 -3.06 8.07 12.38
CA PHE A 184 -4.28 8.87 12.29
C PHE A 184 -4.20 9.88 11.16
N GLU A 185 -2.99 10.09 10.64
CA GLU A 185 -2.74 11.12 9.64
C GLU A 185 -3.34 10.74 8.29
N GLY A 186 -4.24 11.59 7.79
CA GLY A 186 -4.85 11.41 6.49
C GLY A 186 -6.23 10.77 6.59
N LEU A 187 -6.59 10.32 7.78
CA LEU A 187 -7.87 9.65 7.99
C LEU A 187 -9.01 10.64 8.08
N ASP A 188 -10.20 10.20 7.69
CA ASP A 188 -11.40 11.00 7.86
C ASP A 188 -11.79 10.98 9.33
N LEU A 189 -11.68 12.15 9.97
CA LEU A 189 -12.00 12.32 11.39
C LEU A 189 -13.32 13.06 11.58
N GLY A 190 -13.90 13.54 10.49
CA GLY A 190 -15.12 14.35 10.53
C GLY A 190 -14.89 15.74 11.11
N LYS A 191 -15.98 16.44 11.42
CA LYS A 191 -15.92 17.79 11.96
C LYS A 191 -15.57 17.77 13.45
N ASP A 197 -11.02 20.47 16.69
CA ASP A 197 -9.70 20.73 16.11
C ASP A 197 -8.79 21.50 17.07
N SER A 198 -8.32 20.80 18.10
CA SER A 198 -7.37 21.36 19.07
C SER A 198 -6.01 20.67 18.93
N GLY A 199 -5.80 20.01 17.79
CA GLY A 199 -4.62 19.19 17.55
C GLY A 199 -4.97 17.72 17.43
N LEU A 200 -4.07 16.96 16.80
CA LEU A 200 -4.28 15.53 16.58
C LEU A 200 -4.05 14.73 17.87
N ALA A 201 -3.04 15.13 18.64
CA ALA A 201 -2.72 14.48 19.91
C ALA A 201 -3.90 14.49 20.89
N SER A 202 -4.61 15.62 20.95
CA SER A 202 -5.76 15.78 21.83
C SER A 202 -6.94 14.93 21.39
N TYR A 203 -7.13 14.84 20.07
CA TYR A 203 -8.16 13.98 19.48
C TYR A 203 -8.00 12.52 19.90
N VAL A 204 -6.80 11.96 19.76
CA VAL A 204 -6.61 10.53 20.04
C VAL A 204 -6.58 10.23 21.55
N ALA A 205 -6.34 11.26 22.37
CA ALA A 205 -6.42 11.13 23.82
C ALA A 205 -7.88 11.25 24.28
N GLY A 206 -8.62 12.14 23.65
CA GLY A 206 -10.00 12.42 24.03
C GLY A 206 -11.01 11.38 23.58
N GLN A 207 -10.73 10.73 22.45
CA GLN A 207 -11.73 9.90 21.78
C GLN A 207 -11.67 8.39 22.07
N ILE A 208 -10.91 8.00 23.09
CA ILE A 208 -10.96 6.63 23.58
C ILE A 208 -12.28 6.39 24.32
N ASP A 209 -12.92 5.29 23.99
CA ASP A 209 -14.25 4.96 24.46
C ASP A 209 -14.21 4.37 25.87
N ARG A 210 -15.02 4.94 26.75
CA ARG A 210 -15.06 4.57 28.17
C ARG A 210 -16.11 3.51 28.49
N THR A 211 -16.86 3.09 27.48
CA THR A 211 -18.03 2.23 27.68
C THR A 211 -17.85 0.82 27.13
N LEU A 212 -16.62 0.49 26.77
CA LEU A 212 -16.28 -0.80 26.14
C LEU A 212 -16.77 -2.02 26.91
N SER A 213 -17.48 -2.89 26.21
CA SER A 213 -17.84 -4.22 26.70
C SER A 213 -17.54 -5.32 25.66
N TRP A 214 -17.76 -6.58 26.04
CA TRP A 214 -17.52 -7.74 25.16
C TRP A 214 -18.28 -7.68 23.88
N LYS A 215 -19.40 -6.97 23.90
CA LYS A 215 -20.18 -6.70 22.70
C LYS A 215 -19.34 -5.96 21.64
N ASP A 216 -18.43 -5.10 22.09
CA ASP A 216 -17.50 -4.39 21.19
C ASP A 216 -16.43 -5.28 20.58
N VAL A 217 -16.00 -6.29 21.32
CA VAL A 217 -15.09 -7.31 20.79
C VAL A 217 -15.79 -8.08 19.66
N GLN A 218 -17.06 -8.41 19.84
CA GLN A 218 -17.85 -9.10 18.82
C GLN A 218 -18.11 -8.21 17.61
N TRP A 219 -18.27 -6.91 17.86
CA TRP A 219 -18.45 -5.94 16.79
C TRP A 219 -17.22 -5.83 15.93
N LEU A 220 -16.04 -5.91 16.54
CA LEU A 220 -14.79 -5.82 15.77
C LEU A 220 -14.77 -6.86 14.65
N GLN A 221 -15.35 -8.02 14.94
CA GLN A 221 -15.38 -9.15 14.00
C GLN A 221 -16.31 -8.97 12.81
N THR A 222 -17.18 -7.97 12.86
CA THR A 222 -18.02 -7.64 11.69
C THR A 222 -17.31 -6.70 10.72
N ILE A 223 -16.23 -6.05 11.17
CA ILE A 223 -15.51 -5.14 10.29
C ILE A 223 -14.17 -5.70 9.81
N THR A 224 -13.71 -6.78 10.42
CA THR A 224 -12.42 -7.38 10.03
C THR A 224 -12.43 -8.89 10.24
N SER A 225 -11.64 -9.58 9.44
CA SER A 225 -11.45 -11.02 9.55
C SER A 225 -10.12 -11.38 10.21
N LEU A 226 -9.39 -10.36 10.64
CA LEU A 226 -8.11 -10.57 11.33
C LEU A 226 -8.33 -11.14 12.74
N PRO A 227 -7.45 -12.07 13.14
CA PRO A 227 -7.53 -12.59 14.51
C PRO A 227 -7.37 -11.47 15.51
N ILE A 228 -8.21 -11.47 16.53
CA ILE A 228 -8.17 -10.47 17.58
C ILE A 228 -7.55 -11.03 18.86
N LEU A 229 -6.57 -10.32 19.39
CA LEU A 229 -5.97 -10.63 20.67
C LEU A 229 -6.52 -9.66 21.70
N VAL A 230 -7.01 -10.20 22.82
CA VAL A 230 -7.56 -9.37 23.90
C VAL A 230 -6.54 -9.28 25.04
N LYS A 231 -6.09 -8.06 25.31
CA LYS A 231 -5.07 -7.75 26.30
C LYS A 231 -5.75 -7.33 27.60
N GLY A 232 -5.26 -7.84 28.74
CA GLY A 232 -5.74 -7.45 30.06
C GLY A 232 -6.48 -8.51 30.88
N VAL A 233 -6.64 -9.71 30.33
CA VAL A 233 -7.38 -10.77 31.00
C VAL A 233 -6.58 -11.28 32.21
N LEU A 234 -7.15 -11.15 33.41
CA LEU A 234 -6.45 -11.60 34.61
C LEU A 234 -7.18 -12.67 35.39
N THR A 235 -8.29 -13.18 34.89
CA THR A 235 -9.11 -14.12 35.65
C THR A 235 -9.65 -15.24 34.75
N ALA A 236 -9.87 -16.41 35.35
CA ALA A 236 -10.55 -17.51 34.68
C ALA A 236 -11.82 -17.05 34.01
N GLU A 237 -12.60 -16.23 34.70
CA GLU A 237 -13.87 -15.75 34.18
C GLU A 237 -13.75 -15.00 32.84
N ASP A 238 -12.85 -14.02 32.77
CA ASP A 238 -12.64 -13.26 31.53
C ASP A 238 -11.92 -14.05 30.45
N ALA A 239 -11.15 -15.08 30.84
CA ALA A 239 -10.56 -15.99 29.87
C ALA A 239 -11.63 -16.80 29.13
N ARG A 240 -12.62 -17.29 29.87
CA ARG A 240 -13.77 -17.98 29.26
C ARG A 240 -14.57 -17.05 28.35
N LEU A 241 -14.79 -15.83 28.81
CA LEU A 241 -15.56 -14.85 28.04
C LEU A 241 -14.81 -14.44 26.75
N ALA A 242 -13.50 -14.24 26.84
CA ALA A 242 -12.65 -14.06 25.63
C ALA A 242 -12.80 -15.18 24.59
N VAL A 243 -12.74 -16.44 25.02
CA VAL A 243 -12.98 -17.58 24.11
C VAL A 243 -14.37 -17.49 23.48
N GLN A 244 -15.40 -17.33 24.32
CA GLN A 244 -16.80 -17.27 23.84
C GLN A 244 -17.06 -16.04 22.96
N ALA A 245 -16.28 -14.99 23.16
CA ALA A 245 -16.42 -13.75 22.38
C ALA A 245 -15.74 -13.83 21.02
N GLY A 246 -15.02 -14.94 20.76
CA GLY A 246 -14.37 -15.18 19.48
C GLY A 246 -12.95 -14.66 19.38
N ALA A 247 -12.34 -14.34 20.52
CA ALA A 247 -10.93 -13.90 20.57
C ALA A 247 -10.03 -15.01 20.05
N ALA A 248 -8.98 -14.63 19.31
CA ALA A 248 -8.02 -15.61 18.79
C ALA A 248 -6.88 -15.83 19.78
N GLY A 249 -6.85 -15.06 20.85
CA GLY A 249 -5.80 -15.15 21.84
C GLY A 249 -5.99 -14.15 22.95
N ILE A 250 -5.26 -14.40 24.04
CA ILE A 250 -5.35 -13.62 25.24
C ILE A 250 -3.95 -13.17 25.59
N ILE A 251 -3.81 -11.89 25.93
CA ILE A 251 -2.58 -11.38 26.52
C ILE A 251 -2.85 -11.03 28.01
N VAL A 252 -2.14 -11.73 28.90
CA VAL A 252 -2.23 -11.53 30.34
C VAL A 252 -1.30 -10.40 30.68
N SER A 253 -1.88 -9.25 31.02
CA SER A 253 -1.12 -8.03 31.23
C SER A 253 -1.88 -7.07 32.13
N ASN A 254 -1.16 -6.37 33.00
CA ASN A 254 -1.72 -5.31 33.82
C ASN A 254 -0.60 -4.70 34.65
N HIS A 255 -0.17 -3.50 34.27
CA HIS A 255 1.01 -2.87 34.85
C HIS A 255 0.78 -2.30 36.21
N GLY A 256 -0.47 -2.28 36.68
CA GLY A 256 -0.80 -1.80 38.02
C GLY A 256 -0.82 -0.28 38.16
N ALA A 257 -1.43 0.17 39.24
CA ALA A 257 -1.46 1.58 39.61
C ALA A 257 -0.84 1.68 41.02
N ARG A 258 0.43 2.07 41.08
CA ARG A 258 1.20 1.95 42.32
C ARG A 258 0.90 3.06 43.33
N GLN A 259 0.39 4.19 42.85
CA GLN A 259 0.18 5.35 43.69
C GLN A 259 -1.13 5.17 44.45
N LEU A 260 -2.03 4.43 43.81
CA LEU A 260 -3.31 4.06 44.35
C LEU A 260 -3.18 2.82 45.25
N ASP A 261 -1.98 2.24 45.28
CA ASP A 261 -1.76 0.91 45.85
C ASP A 261 -2.76 -0.08 45.26
N TYR A 262 -2.74 -0.18 43.94
CA TYR A 262 -3.59 -1.11 43.22
C TYR A 262 -2.72 -2.11 42.47
N VAL A 263 -2.45 -3.22 43.14
CA VAL A 263 -1.62 -4.30 42.63
C VAL A 263 -2.48 -5.54 42.33
N PRO A 264 -2.45 -6.00 41.06
CA PRO A 264 -2.91 -7.32 40.67
C PRO A 264 -1.70 -8.16 40.21
N SER A 265 -1.67 -9.44 40.57
CA SER A 265 -0.58 -10.32 40.14
C SER A 265 -0.92 -10.98 38.81
N THR A 266 -0.15 -10.67 37.77
CA THR A 266 -0.31 -11.30 36.46
C THR A 266 0.20 -12.73 36.47
N ILE A 267 1.22 -12.99 37.29
CA ILE A 267 1.91 -14.27 37.23
C ILE A 267 1.03 -15.38 37.79
N MET A 268 0.43 -15.10 38.94
CA MET A 268 -0.50 -15.98 39.59
C MET A 268 -1.68 -16.22 38.65
N ALA A 269 -2.10 -15.16 37.98
CA ALA A 269 -3.19 -15.23 37.00
C ALA A 269 -2.84 -16.05 35.76
N LEU A 270 -1.59 -15.99 35.32
CA LEU A 270 -1.20 -16.64 34.05
C LEU A 270 -1.67 -18.08 33.95
N GLU A 271 -1.31 -18.89 34.95
CA GLU A 271 -1.68 -20.31 34.99
C GLU A 271 -3.20 -20.53 34.99
N GLU A 272 -3.89 -19.72 35.79
CA GLU A 272 -5.36 -19.76 35.92
C GLU A 272 -6.04 -19.48 34.59
N VAL A 273 -5.56 -18.43 33.92
CA VAL A 273 -6.07 -18.00 32.61
C VAL A 273 -5.85 -19.08 31.57
N VAL A 274 -4.63 -19.62 31.51
CA VAL A 274 -4.28 -20.71 30.60
C VAL A 274 -5.22 -21.90 30.83
N LYS A 275 -5.41 -22.30 32.09
CA LYS A 275 -6.27 -23.45 32.38
C LYS A 275 -7.70 -23.18 31.96
N ALA A 276 -8.19 -21.97 32.21
CA ALA A 276 -9.58 -21.61 31.85
C ALA A 276 -9.83 -21.63 30.36
N ALA A 277 -8.81 -21.19 29.60
CA ALA A 277 -8.86 -21.14 28.13
C ALA A 277 -8.94 -22.53 27.53
N GLN A 278 -8.62 -23.56 28.32
CA GLN A 278 -8.85 -24.95 27.91
C GLN A 278 -8.18 -25.38 26.61
N GLY A 279 -7.03 -24.79 26.30
CA GLY A 279 -6.31 -25.07 25.05
C GLY A 279 -6.97 -24.52 23.79
N ARG A 280 -8.07 -23.77 23.92
CA ARG A 280 -8.78 -23.23 22.73
C ARG A 280 -7.99 -22.20 21.93
N ILE A 281 -7.35 -21.27 22.64
CA ILE A 281 -6.58 -20.21 22.02
C ILE A 281 -5.29 -20.01 22.80
N PRO A 282 -4.24 -19.43 22.15
CA PRO A 282 -2.98 -19.17 22.89
C PRO A 282 -3.09 -18.09 23.97
N VAL A 283 -2.27 -18.21 25.01
CA VAL A 283 -2.21 -17.24 26.09
C VAL A 283 -0.81 -16.67 26.13
N PHE A 284 -0.70 -15.35 26.10
CA PHE A 284 0.60 -14.71 26.17
C PHE A 284 0.76 -13.90 27.45
N LEU A 285 1.99 -13.66 27.83
CA LEU A 285 2.27 -12.82 28.98
C LEU A 285 3.02 -11.56 28.56
N ASP A 286 2.59 -10.42 29.07
CA ASP A 286 3.34 -9.18 28.89
C ASP A 286 3.50 -8.56 30.27
N GLY A 287 4.73 -8.26 30.66
CA GLY A 287 4.95 -7.53 31.90
C GLY A 287 6.17 -8.00 32.66
N GLY A 288 7.21 -7.19 32.61
CA GLY A 288 8.47 -7.46 33.33
C GLY A 288 9.24 -8.71 32.95
N VAL A 289 9.12 -9.19 31.72
CA VAL A 289 10.00 -10.30 31.31
C VAL A 289 11.37 -9.72 30.92
N ARG A 290 12.42 -10.17 31.61
CA ARG A 290 13.78 -9.60 31.43
C ARG A 290 14.88 -10.64 31.30
N ARG A 291 14.59 -11.86 31.73
CA ARG A 291 15.60 -12.90 31.76
C ARG A 291 15.13 -14.09 30.95
N GLY A 292 16.10 -14.85 30.44
CA GLY A 292 15.80 -16.14 29.83
C GLY A 292 15.04 -17.05 30.78
N THR A 293 15.29 -16.90 32.08
CA THR A 293 14.61 -17.76 33.07
C THR A 293 13.17 -17.34 33.23
N ASP A 294 12.88 -16.06 33.02
CA ASP A 294 11.52 -15.53 33.04
C ASP A 294 10.69 -16.14 31.90
N VAL A 295 11.29 -16.21 30.71
CA VAL A 295 10.61 -16.70 29.52
C VAL A 295 10.24 -18.17 29.74
N PHE A 296 11.18 -18.91 30.31
CA PHE A 296 11.00 -20.30 30.58
C PHE A 296 9.86 -20.49 31.56
N LYS A 297 9.83 -19.67 32.61
CA LYS A 297 8.85 -19.80 33.68
C LYS A 297 7.44 -19.52 33.16
N ALA A 298 7.28 -18.46 32.37
CA ALA A 298 5.98 -18.16 31.74
C ALA A 298 5.45 -19.30 30.85
N LEU A 299 6.32 -19.88 30.02
CA LEU A 299 5.93 -21.02 29.18
C LEU A 299 5.57 -22.29 29.96
N ALA A 300 6.36 -22.61 30.99
CA ALA A 300 6.02 -23.73 31.86
C ALA A 300 4.68 -23.54 32.56
N LEU A 301 4.38 -22.31 32.97
CA LEU A 301 3.04 -21.95 33.49
C LEU A 301 1.94 -22.04 32.41
N GLY A 302 2.35 -22.19 31.14
CA GLY A 302 1.41 -22.53 30.06
C GLY A 302 1.20 -21.46 29.01
N ALA A 303 1.89 -20.33 29.15
CA ALA A 303 1.86 -19.28 28.15
C ALA A 303 2.49 -19.80 26.84
N SER A 304 2.02 -19.28 25.71
CA SER A 304 2.49 -19.71 24.37
C SER A 304 3.67 -18.84 23.91
N GLY A 305 3.87 -17.73 24.60
CA GLY A 305 4.99 -16.85 24.32
C GLY A 305 4.84 -15.64 25.20
N ILE A 306 5.79 -14.72 25.09
CA ILE A 306 5.74 -13.46 25.84
C ILE A 306 6.06 -12.25 24.95
N PHE A 307 5.73 -11.07 25.47
CA PHE A 307 6.05 -9.82 24.83
C PHE A 307 6.94 -9.07 25.81
N ILE A 308 7.90 -8.32 25.24
CA ILE A 308 8.72 -7.34 25.97
C ILE A 308 8.50 -5.95 25.37
N GLY A 309 8.23 -4.97 26.23
CA GLY A 309 8.00 -3.57 25.84
C GLY A 309 9.18 -2.65 26.19
N ARG A 310 9.33 -2.35 27.48
CA ARG A 310 10.39 -1.44 27.95
C ARG A 310 11.80 -1.72 27.45
N PRO A 311 12.24 -3.00 27.50
CA PRO A 311 13.61 -3.27 27.07
C PRO A 311 13.88 -2.93 25.63
N VAL A 312 12.85 -3.02 24.78
CA VAL A 312 13.00 -2.67 23.38
C VAL A 312 13.21 -1.15 23.24
N VAL A 313 12.29 -0.32 23.75
CA VAL A 313 12.49 1.15 23.69
C VAL A 313 13.80 1.65 24.29
N PHE A 314 14.20 1.07 25.44
CA PHE A 314 15.41 1.50 26.11
C PHE A 314 16.62 1.24 25.23
N SER A 315 16.70 0.03 24.67
CA SER A 315 17.85 -0.35 23.85
C SER A 315 17.83 0.38 22.50
N LEU A 316 16.66 0.86 22.12
CA LEU A 316 16.49 1.71 20.94
C LEU A 316 17.09 3.09 21.21
N ALA A 317 16.82 3.60 22.40
CA ALA A 317 17.28 4.92 22.81
C ALA A 317 18.80 4.88 23.00
N ALA A 318 19.30 3.74 23.44
CA ALA A 318 20.71 3.55 23.75
C ALA A 318 21.59 3.28 22.53
N GLU A 319 21.13 2.38 21.65
CA GLU A 319 21.95 1.95 20.51
C GLU A 319 21.19 1.84 19.19
N GLY A 320 19.95 2.34 19.15
CA GLY A 320 19.09 2.20 17.97
C GLY A 320 18.79 0.74 17.65
N GLU A 321 18.67 0.48 16.35
CA GLU A 321 18.42 -0.85 15.82
C GLU A 321 19.38 -1.92 16.38
N ALA A 322 20.65 -1.55 16.51
CA ALA A 322 21.67 -2.48 17.05
C ALA A 322 21.39 -2.91 18.50
N GLY A 323 20.82 -2.00 19.28
CA GLY A 323 20.44 -2.29 20.65
C GLY A 323 19.27 -3.24 20.77
N ILE A 324 18.21 -3.00 20.00
CA ILE A 324 17.07 -3.91 19.96
C ILE A 324 17.57 -5.29 19.57
N LYS A 325 18.33 -5.36 18.48
CA LYS A 325 18.95 -6.61 18.06
C LYS A 325 19.64 -7.28 19.24
N LYS A 326 20.37 -6.49 20.04
CA LYS A 326 21.12 -7.04 21.15
C LYS A 326 20.25 -7.53 22.30
N VAL A 327 19.24 -6.75 22.70
CA VAL A 327 18.26 -7.20 23.70
C VAL A 327 17.65 -8.55 23.32
N LEU A 328 17.19 -8.65 22.07
CA LEU A 328 16.57 -9.90 21.60
C LEU A 328 17.55 -11.06 21.65
N GLN A 329 18.80 -10.82 21.23
CA GLN A 329 19.83 -11.87 21.27
C GLN A 329 20.21 -12.31 22.70
N MET A 330 20.22 -11.38 23.65
CA MET A 330 20.53 -11.74 25.04
C MET A 330 19.43 -12.57 25.68
N LEU A 331 18.18 -12.10 25.55
CA LEU A 331 17.01 -12.84 25.99
C LEU A 331 17.02 -14.25 25.38
N ARG A 332 17.21 -14.30 24.07
CA ARG A 332 17.28 -15.56 23.33
C ARG A 332 18.34 -16.53 23.89
N ASP A 333 19.56 -16.03 24.07
CA ASP A 333 20.69 -16.83 24.55
C ASP A 333 20.46 -17.41 25.96
N GLU A 334 19.92 -16.60 26.85
CA GLU A 334 19.62 -17.03 28.21
C GLU A 334 18.49 -18.05 28.22
N PHE A 335 17.53 -17.86 27.32
CA PHE A 335 16.41 -18.77 27.19
C PHE A 335 16.92 -20.15 26.78
N GLU A 336 17.75 -20.21 25.74
CA GLU A 336 18.29 -21.48 25.26
C GLU A 336 19.02 -22.23 26.39
N LEU A 337 19.91 -21.53 27.07
CA LEU A 337 20.68 -22.04 28.20
C LEU A 337 19.76 -22.55 29.33
N THR A 338 18.71 -21.80 29.63
CA THR A 338 17.72 -22.21 30.61
C THR A 338 17.05 -23.54 30.23
N MET A 339 16.64 -23.63 28.96
CA MET A 339 16.09 -24.87 28.42
C MET A 339 17.08 -26.03 28.49
N ALA A 340 18.35 -25.74 28.18
CA ALA A 340 19.40 -26.75 28.21
C ALA A 340 19.62 -27.27 29.64
N LEU A 341 19.66 -26.34 30.59
CA LEU A 341 19.84 -26.70 31.98
C LEU A 341 18.67 -27.49 32.52
N SER A 342 17.50 -27.28 31.93
CA SER A 342 16.27 -27.91 32.39
C SER A 342 16.03 -29.28 31.77
N GLY A 343 16.80 -29.59 30.73
CA GLY A 343 16.60 -30.82 29.96
C GLY A 343 15.48 -30.72 28.93
N CYS A 344 15.29 -29.54 28.35
CA CYS A 344 14.21 -29.31 27.37
C CYS A 344 14.77 -28.98 25.98
N ARG A 345 14.45 -29.84 25.02
CA ARG A 345 15.02 -29.77 23.69
C ARG A 345 14.17 -28.93 22.73
N SER A 346 12.90 -28.73 23.09
CA SER A 346 11.98 -27.90 22.33
C SER A 346 10.96 -27.24 23.27
N LEU A 347 10.17 -26.31 22.75
CA LEU A 347 9.12 -25.64 23.52
C LEU A 347 8.10 -26.63 24.11
N ASN A 348 7.77 -27.64 23.31
CA ASN A 348 6.90 -28.74 23.73
C ASN A 348 7.36 -29.44 25.02
N GLU A 349 8.67 -29.48 25.24
CA GLU A 349 9.24 -30.12 26.41
C GLU A 349 9.22 -29.24 27.66
N ILE A 350 8.80 -27.98 27.50
CA ILE A 350 8.70 -27.11 28.66
C ILE A 350 7.36 -27.34 29.36
N THR A 351 7.33 -28.33 30.25
CA THR A 351 6.11 -28.72 30.95
C THR A 351 6.01 -28.02 32.32
N ARG A 352 4.80 -28.03 32.87
CA ARG A 352 4.51 -27.52 34.21
C ARG A 352 5.35 -28.20 35.30
N ASN A 353 5.80 -29.43 35.05
CA ASN A 353 6.66 -30.16 36.00
C ASN A 353 8.16 -29.74 36.00
N HIS A 354 8.53 -28.79 35.14
CA HIS A 354 9.90 -28.26 35.10
C HIS A 354 10.10 -27.06 35.99
N ILE A 355 9.03 -26.58 36.60
CA ILE A 355 9.12 -25.54 37.62
C ILE A 355 8.44 -25.99 38.92
N VAL A 356 8.69 -25.24 40.01
CA VAL A 356 7.91 -25.38 41.24
C VAL A 356 7.51 -24.01 41.75
N THR A 357 6.24 -23.84 42.06
CA THR A 357 5.69 -22.58 42.57
C THR A 357 5.28 -22.69 44.04
N GLU A 358 5.23 -21.54 44.72
CA GLU A 358 4.83 -21.49 46.13
C GLU A 358 3.46 -22.12 46.38
N TRP A 359 2.59 -22.13 45.38
CA TRP A 359 1.27 -22.75 45.50
C TRP A 359 1.20 -24.20 45.08
N ASP A 360 2.33 -24.77 44.66
CA ASP A 360 2.40 -26.21 44.37
C ASP A 360 2.37 -27.02 45.67
N ALA A 361 1.66 -28.15 45.67
CA ALA A 361 1.75 -29.12 46.75
C ALA A 361 3.17 -29.75 46.76
N PRO A 362 3.85 -29.72 47.93
CA PRO A 362 5.22 -30.23 48.06
C PRO A 362 5.34 -31.72 47.70
N ARG A 363 6.16 -32.00 46.70
CA ARG A 363 6.35 -33.38 46.21
C ARG A 363 7.07 -34.27 47.23
N ALA A 364 7.91 -33.65 48.07
CA ALA A 364 8.66 -34.37 49.10
C ALA A 364 7.75 -34.98 50.17
N ALA A 365 6.54 -34.44 50.30
CA ALA A 365 5.58 -34.93 51.30
C ALA A 365 4.78 -36.10 50.78
N LEU A 366 4.60 -36.16 49.47
CA LEU A 366 3.87 -37.24 48.81
C LEU A 366 4.57 -38.61 48.92
N PRO A 367 3.77 -39.70 49.02
CA PRO A 367 4.30 -41.06 48.90
C PRO A 367 4.70 -41.39 47.46
N ALA A 368 5.90 -41.95 47.30
CA ALA A 368 6.39 -42.37 45.99
C ALA A 368 5.74 -43.67 45.56
N PRO A 369 5.53 -43.85 44.25
CA PRO A 369 4.99 -45.12 43.77
C PRO A 369 6.01 -46.25 43.68
N ARG A 370 5.50 -47.46 43.92
CA ARG A 370 5.94 -48.71 43.31
C ARG A 370 5.24 -49.89 43.98
N LEU A 371 4.15 -50.35 43.35
CA LEU A 371 3.17 -51.24 43.98
C LEU A 371 3.69 -52.65 44.12
N GLU B 3 -20.28 -40.24 -26.56
CA GLU B 3 -18.96 -39.55 -26.40
C GLU B 3 -19.04 -38.07 -26.77
N VAL B 4 -18.30 -37.24 -26.03
CA VAL B 4 -18.21 -35.81 -26.29
C VAL B 4 -16.80 -35.46 -26.77
N THR B 5 -16.68 -34.89 -27.96
CA THR B 5 -15.38 -34.42 -28.47
C THR B 5 -15.25 -32.89 -28.51
N ASN B 6 -16.30 -32.18 -28.09
CA ASN B 6 -16.26 -30.71 -28.01
C ASN B 6 -17.23 -30.09 -26.99
N VAL B 7 -16.84 -28.93 -26.47
CA VAL B 7 -17.54 -28.23 -25.37
C VAL B 7 -19.02 -27.97 -25.68
N MET B 8 -19.31 -27.67 -26.94
CA MET B 8 -20.66 -27.29 -27.36
C MET B 8 -21.67 -28.44 -27.40
N GLU B 9 -21.18 -29.68 -27.49
CA GLU B 9 -22.00 -30.90 -27.48
C GLU B 9 -22.74 -31.18 -26.16
N TYR B 10 -22.24 -30.58 -25.07
CA TYR B 10 -22.87 -30.73 -23.75
C TYR B 10 -24.21 -30.03 -23.67
N GLU B 11 -24.34 -28.95 -24.45
CA GLU B 11 -25.57 -28.17 -24.52
C GLU B 11 -26.80 -29.01 -24.88
N ALA B 12 -26.67 -29.84 -25.90
CA ALA B 12 -27.76 -30.70 -26.38
C ALA B 12 -28.14 -31.73 -25.33
N ILE B 13 -27.15 -32.23 -24.60
CA ILE B 13 -27.36 -33.21 -23.54
C ILE B 13 -28.03 -32.55 -22.33
N ALA B 14 -27.63 -31.32 -22.02
CA ALA B 14 -28.26 -30.60 -20.93
C ALA B 14 -29.68 -30.18 -21.30
N LYS B 15 -29.92 -29.94 -22.59
CA LYS B 15 -31.27 -29.63 -23.07
C LYS B 15 -32.21 -30.81 -22.79
N LYS B 16 -31.69 -32.02 -22.92
CA LYS B 16 -32.48 -33.22 -22.70
C LYS B 16 -32.78 -33.53 -21.22
N LYS B 17 -31.76 -33.58 -20.37
CA LYS B 17 -32.01 -33.98 -18.97
C LYS B 17 -32.54 -32.90 -18.04
N LEU B 18 -32.47 -31.64 -18.45
CA LEU B 18 -33.01 -30.54 -17.65
C LEU B 18 -34.41 -30.18 -18.11
N PRO B 19 -35.29 -29.79 -17.16
CA PRO B 19 -36.58 -29.19 -17.50
C PRO B 19 -36.38 -27.92 -18.34
N LYS B 20 -37.29 -27.68 -19.29
CA LYS B 20 -37.14 -26.57 -20.23
C LYS B 20 -36.79 -25.26 -19.53
N MET B 21 -37.56 -24.91 -18.51
CA MET B 21 -37.40 -23.66 -17.77
C MET B 21 -35.97 -23.49 -17.25
N VAL B 22 -35.42 -24.58 -16.69
CA VAL B 22 -34.09 -24.63 -16.09
C VAL B 22 -33.01 -24.50 -17.16
N PHE B 23 -33.18 -25.23 -18.27
CA PHE B 23 -32.23 -25.13 -19.36
C PHE B 23 -32.21 -23.72 -19.96
N ASP B 24 -33.40 -23.14 -20.15
CA ASP B 24 -33.55 -21.81 -20.73
C ASP B 24 -33.02 -20.73 -19.80
N TYR B 25 -33.16 -20.98 -18.50
CA TYR B 25 -32.60 -20.10 -17.49
C TYR B 25 -31.10 -19.95 -17.70
N TYR B 26 -30.41 -21.06 -17.91
CA TYR B 26 -28.96 -21.03 -18.09
C TYR B 26 -28.54 -20.59 -19.48
N ALA B 27 -29.25 -21.07 -20.50
CA ALA B 27 -28.89 -20.83 -21.90
C ALA B 27 -29.11 -19.38 -22.34
N SER B 28 -30.25 -18.81 -21.99
CA SER B 28 -30.61 -17.48 -22.44
C SER B 28 -30.70 -16.52 -21.28
N GLY B 29 -30.46 -17.03 -20.09
CA GLY B 29 -30.41 -16.20 -18.89
C GLY B 29 -31.77 -15.97 -18.27
N ALA B 30 -31.74 -15.41 -17.06
CA ALA B 30 -32.91 -15.18 -16.21
C ALA B 30 -34.12 -14.52 -16.89
N GLU B 31 -33.88 -13.80 -17.98
CA GLU B 31 -34.96 -13.06 -18.67
C GLU B 31 -35.09 -13.43 -20.14
N ASP B 32 -34.43 -14.51 -20.54
CA ASP B 32 -34.46 -15.03 -21.92
C ASP B 32 -33.92 -14.02 -22.97
N GLN B 33 -32.98 -13.17 -22.56
CA GLN B 33 -32.44 -12.11 -23.41
C GLN B 33 -31.15 -12.45 -24.15
N TRP B 34 -30.46 -13.52 -23.75
CA TRP B 34 -29.14 -13.83 -24.32
C TRP B 34 -29.17 -14.67 -25.55
N THR B 35 -28.13 -14.54 -26.35
CA THR B 35 -27.88 -15.48 -27.45
C THR B 35 -26.92 -16.55 -27.00
N LEU B 36 -27.26 -17.81 -27.30
CA LEU B 36 -26.37 -18.95 -27.07
C LEU B 36 -25.22 -19.00 -28.11
N ALA B 37 -25.38 -18.25 -29.20
CA ALA B 37 -24.35 -18.11 -30.24
C ALA B 37 -23.44 -16.89 -30.03
N GLU B 38 -23.46 -16.32 -28.82
CA GLU B 38 -22.64 -15.15 -28.50
C GLU B 38 -21.20 -15.28 -29.02
N ASN B 39 -20.81 -14.34 -29.88
CA ASN B 39 -19.42 -14.15 -30.34
C ASN B 39 -18.90 -15.20 -31.30
N ARG B 40 -19.73 -16.16 -31.67
CA ARG B 40 -19.34 -17.22 -32.58
C ARG B 40 -18.96 -16.66 -33.97
N ASN B 41 -19.67 -15.63 -34.42
CA ASN B 41 -19.37 -15.00 -35.71
C ASN B 41 -18.11 -14.13 -35.64
N ALA B 42 -18.03 -13.32 -34.59
CA ALA B 42 -16.90 -12.40 -34.36
C ALA B 42 -15.55 -13.11 -34.11
N PHE B 43 -15.57 -14.25 -33.42
CA PHE B 43 -14.38 -15.09 -33.28
C PHE B 43 -13.99 -15.76 -34.59
N SER B 44 -14.98 -15.99 -35.45
CA SER B 44 -14.75 -16.65 -36.74
C SER B 44 -14.12 -15.70 -37.74
N ARG B 45 -14.36 -14.40 -37.58
CA ARG B 45 -13.85 -13.41 -38.52
C ARG B 45 -12.43 -12.95 -38.16
N ILE B 46 -11.83 -13.58 -37.16
CA ILE B 46 -10.43 -13.33 -36.75
C ILE B 46 -9.56 -14.47 -37.26
N LEU B 47 -8.46 -14.11 -37.91
CA LEU B 47 -7.57 -15.13 -38.51
C LEU B 47 -6.21 -15.14 -37.85
N PHE B 48 -5.52 -16.28 -37.96
CA PHE B 48 -4.23 -16.49 -37.33
C PHE B 48 -3.07 -16.10 -38.24
N ARG B 49 -1.96 -15.68 -37.62
CA ARG B 49 -0.70 -15.41 -38.30
C ARG B 49 0.38 -16.27 -37.67
N PRO B 50 0.45 -17.55 -38.05
CA PRO B 50 1.34 -18.50 -37.40
C PRO B 50 2.79 -18.20 -37.70
N ARG B 51 3.65 -18.53 -36.73
CA ARG B 51 5.08 -18.50 -36.92
C ARG B 51 5.60 -19.93 -36.99
N ILE B 52 6.73 -20.12 -37.65
CA ILE B 52 7.29 -21.45 -37.86
C ILE B 52 8.68 -21.54 -37.29
N LEU B 53 9.17 -22.77 -37.21
CA LEU B 53 10.56 -23.05 -36.79
C LEU B 53 10.89 -22.48 -35.43
N ILE B 54 9.88 -22.48 -34.56
CA ILE B 54 10.10 -22.23 -33.15
C ILE B 54 9.83 -23.55 -32.44
N ASP B 55 10.67 -23.87 -31.47
CA ASP B 55 10.54 -25.11 -30.72
C ASP B 55 9.35 -25.00 -29.76
N VAL B 56 8.23 -25.61 -30.16
CA VAL B 56 7.00 -25.60 -29.36
C VAL B 56 6.66 -26.98 -28.79
N SER B 57 7.68 -27.78 -28.49
CA SER B 57 7.45 -29.12 -27.96
C SER B 57 6.98 -29.09 -26.51
N LYS B 58 7.40 -28.07 -25.78
CA LYS B 58 6.97 -27.87 -24.39
C LYS B 58 6.18 -26.56 -24.28
N ILE B 59 4.87 -26.67 -24.12
CA ILE B 59 4.01 -25.49 -23.96
C ILE B 59 3.73 -25.17 -22.49
N ASP B 60 4.11 -23.96 -22.07
CA ASP B 60 3.75 -23.45 -20.76
C ASP B 60 2.54 -22.51 -20.87
N MET B 61 1.40 -22.98 -20.38
CA MET B 61 0.15 -22.23 -20.41
C MET B 61 -0.18 -21.56 -19.06
N SER B 62 0.69 -21.75 -18.07
CA SER B 62 0.37 -21.26 -16.72
C SER B 62 0.50 -19.74 -16.66
N THR B 63 -0.14 -19.14 -15.66
CA THR B 63 -0.12 -17.69 -15.50
C THR B 63 -0.42 -17.30 -14.07
N THR B 64 -0.30 -16.02 -13.81
CA THR B 64 -0.62 -15.45 -12.51
C THR B 64 -1.81 -14.51 -12.66
N VAL B 65 -2.79 -14.66 -11.77
CA VAL B 65 -3.98 -13.82 -11.74
C VAL B 65 -4.12 -13.26 -10.34
N LEU B 66 -3.99 -11.94 -10.21
CA LEU B 66 -4.03 -11.26 -8.91
C LEU B 66 -3.03 -11.83 -7.90
N GLY B 67 -1.84 -12.20 -8.37
CA GLY B 67 -0.80 -12.77 -7.52
C GLY B 67 -0.90 -14.28 -7.30
N PHE B 68 -1.92 -14.90 -7.86
CA PHE B 68 -2.14 -16.33 -7.71
C PHE B 68 -1.80 -17.10 -8.97
N LYS B 69 -0.90 -18.06 -8.84
CA LYS B 69 -0.51 -18.89 -9.97
C LYS B 69 -1.61 -19.91 -10.28
N ILE B 70 -2.04 -19.95 -11.52
CA ILE B 70 -3.00 -20.97 -12.00
C ILE B 70 -2.45 -21.66 -13.24
N SER B 71 -3.05 -22.80 -13.62
CA SER B 71 -2.49 -23.69 -14.65
C SER B 71 -2.79 -23.32 -16.11
N MET B 72 -3.64 -22.31 -16.30
CA MET B 72 -4.16 -21.95 -17.64
C MET B 72 -5.07 -20.73 -17.54
N PRO B 73 -5.07 -19.86 -18.56
CA PRO B 73 -5.80 -18.59 -18.44
C PRO B 73 -7.29 -18.80 -18.70
N ILE B 74 -7.84 -19.88 -18.15
CA ILE B 74 -9.23 -20.28 -18.35
C ILE B 74 -9.94 -20.45 -17.00
N MET B 75 -10.91 -19.60 -16.71
CA MET B 75 -11.53 -19.65 -15.40
C MET B 75 -13.02 -19.92 -15.47
N ILE B 76 -13.62 -20.21 -14.30
CA ILE B 76 -15.05 -20.53 -14.28
C ILE B 76 -15.83 -19.33 -13.81
N ALA B 77 -16.78 -18.91 -14.66
CA ALA B 77 -17.72 -17.83 -14.37
C ALA B 77 -18.83 -18.33 -13.46
N PRO B 78 -19.45 -17.43 -12.70
CA PRO B 78 -20.57 -17.81 -11.86
C PRO B 78 -21.85 -18.06 -12.67
N THR B 79 -22.57 -19.13 -12.28
CA THR B 79 -23.93 -19.42 -12.76
C THR B 79 -24.76 -19.77 -11.52
N ALA B 80 -25.93 -19.15 -11.40
CA ALA B 80 -26.72 -19.23 -10.16
C ALA B 80 -27.33 -20.60 -9.88
N MET B 81 -27.54 -20.89 -8.60
CA MET B 81 -28.29 -22.07 -8.15
C MET B 81 -27.92 -23.39 -8.82
N GLN B 82 -26.65 -23.80 -8.73
CA GLN B 82 -26.17 -24.94 -9.52
C GLN B 82 -26.71 -26.32 -9.11
N LYS B 83 -27.43 -26.37 -7.99
CA LYS B 83 -28.08 -27.61 -7.57
C LYS B 83 -29.38 -27.83 -8.33
N MET B 84 -29.81 -26.81 -9.09
CA MET B 84 -30.90 -27.01 -10.03
C MET B 84 -30.43 -27.81 -11.23
N ALA B 85 -29.11 -27.84 -11.45
CA ALA B 85 -28.52 -28.49 -12.61
C ALA B 85 -27.99 -29.89 -12.32
N HIS B 86 -27.51 -30.09 -11.10
CA HIS B 86 -26.99 -31.38 -10.64
C HIS B 86 -26.95 -31.34 -9.13
N PRO B 87 -27.35 -32.45 -8.45
CA PRO B 87 -27.48 -32.46 -6.98
C PRO B 87 -26.21 -32.06 -6.22
N GLU B 88 -25.07 -32.28 -6.84
CA GLU B 88 -23.77 -31.91 -6.28
C GLU B 88 -23.58 -30.40 -6.37
N GLY B 89 -24.10 -29.80 -7.45
CA GLY B 89 -24.09 -28.34 -7.62
C GLY B 89 -22.71 -27.71 -7.54
N GLU B 90 -22.61 -26.65 -6.73
CA GLU B 90 -21.37 -25.88 -6.56
C GLU B 90 -20.18 -26.66 -5.99
N TYR B 91 -20.47 -27.75 -5.26
CA TYR B 91 -19.41 -28.63 -4.74
C TYR B 91 -18.64 -29.27 -5.90
N ALA B 92 -19.38 -29.77 -6.89
CA ALA B 92 -18.78 -30.35 -8.09
C ALA B 92 -17.90 -29.34 -8.86
N THR B 93 -18.40 -28.12 -8.99
CA THR B 93 -17.68 -27.03 -9.64
C THR B 93 -16.38 -26.73 -8.90
N ALA B 94 -16.47 -26.63 -7.59
CA ALA B 94 -15.33 -26.33 -6.72
C ALA B 94 -14.25 -27.38 -6.86
N ARG B 95 -14.64 -28.66 -6.84
CA ARG B 95 -13.67 -29.76 -6.91
C ARG B 95 -13.04 -29.88 -8.29
N ALA B 96 -13.86 -29.72 -9.34
CA ALA B 96 -13.34 -29.68 -10.71
C ALA B 96 -12.40 -28.49 -10.95
N ALA B 97 -12.77 -27.29 -10.49
CA ALA B 97 -11.87 -26.12 -10.62
C ALA B 97 -10.54 -26.36 -9.90
N SER B 98 -10.62 -26.85 -8.65
CA SER B 98 -9.44 -27.20 -7.85
C SER B 98 -8.54 -28.22 -8.54
N ALA B 99 -9.15 -29.28 -9.06
CA ALA B 99 -8.41 -30.33 -9.72
C ALA B 99 -7.75 -29.87 -11.04
N ALA B 100 -8.40 -28.96 -11.76
CA ALA B 100 -7.81 -28.40 -12.98
C ALA B 100 -6.78 -27.27 -12.73
N GLY B 101 -6.64 -26.83 -11.49
CA GLY B 101 -5.59 -25.84 -11.12
C GLY B 101 -6.01 -24.41 -11.39
N THR B 102 -7.30 -24.19 -11.53
CA THR B 102 -7.78 -22.89 -11.93
C THR B 102 -8.73 -22.28 -10.90
N ILE B 103 -9.34 -21.15 -11.25
CA ILE B 103 -10.16 -20.36 -10.35
C ILE B 103 -11.64 -20.48 -10.73
N MET B 104 -12.50 -20.51 -9.72
CA MET B 104 -13.95 -20.57 -9.89
C MET B 104 -14.52 -19.35 -9.19
N THR B 105 -15.52 -18.72 -9.80
CA THR B 105 -16.21 -17.60 -9.17
C THR B 105 -17.52 -18.12 -8.64
N LEU B 106 -17.75 -17.98 -7.34
CA LEU B 106 -19.01 -18.41 -6.75
C LEU B 106 -20.06 -17.32 -6.94
N SER B 107 -21.20 -17.71 -7.53
CA SER B 107 -22.35 -16.84 -7.67
C SER B 107 -22.88 -16.45 -6.29
N SER B 108 -23.30 -15.20 -6.13
CA SER B 108 -23.87 -14.83 -4.84
C SER B 108 -25.25 -15.49 -4.66
N TRP B 109 -25.86 -15.87 -5.79
CA TRP B 109 -27.11 -16.63 -5.86
C TRP B 109 -26.86 -18.12 -5.75
N ALA B 110 -25.80 -18.54 -5.07
CA ALA B 110 -25.46 -19.97 -4.99
C ALA B 110 -26.47 -20.79 -4.17
N THR B 111 -26.56 -22.08 -4.50
CA THR B 111 -27.23 -23.04 -3.61
C THR B 111 -26.25 -23.70 -2.61
N SER B 112 -25.01 -23.22 -2.60
CA SER B 112 -24.03 -23.64 -1.59
C SER B 112 -23.36 -22.39 -1.07
N SER B 113 -23.05 -22.36 0.22
CA SER B 113 -22.46 -21.17 0.82
C SER B 113 -20.97 -21.12 0.51
N VAL B 114 -20.36 -19.97 0.76
CA VAL B 114 -18.90 -19.84 0.67
C VAL B 114 -18.19 -20.89 1.56
N GLU B 115 -18.68 -21.15 2.76
CA GLU B 115 -17.97 -22.10 3.63
C GLU B 115 -18.09 -23.58 3.19
N GLU B 116 -19.29 -23.98 2.72
CA GLU B 116 -19.49 -25.30 2.11
C GLU B 116 -18.56 -25.53 0.92
N VAL B 117 -18.47 -24.54 0.05
CA VAL B 117 -17.57 -24.59 -1.11
C VAL B 117 -16.11 -24.65 -0.63
N ALA B 118 -15.74 -23.85 0.36
CA ALA B 118 -14.38 -23.88 0.93
C ALA B 118 -14.04 -25.21 1.60
N SER B 119 -15.07 -25.90 2.10
CA SER B 119 -14.89 -27.21 2.74
C SER B 119 -14.58 -28.34 1.75
N THR B 120 -14.69 -28.08 0.44
CA THR B 120 -14.41 -29.13 -0.55
C THR B 120 -12.91 -29.42 -0.70
N GLY B 121 -12.09 -28.59 -0.10
CA GLY B 121 -10.64 -28.68 -0.30
C GLY B 121 -10.13 -27.33 -0.73
N PRO B 122 -8.78 -27.17 -0.80
CA PRO B 122 -8.12 -25.90 -1.12
C PRO B 122 -8.28 -25.52 -2.58
N GLY B 123 -8.29 -24.22 -2.85
CA GLY B 123 -8.49 -23.73 -4.21
C GLY B 123 -8.72 -22.24 -4.19
N ILE B 124 -8.27 -21.58 -5.25
CA ILE B 124 -8.39 -20.13 -5.35
C ILE B 124 -9.78 -19.84 -5.92
N ARG B 125 -10.59 -19.11 -5.15
CA ARG B 125 -11.94 -18.80 -5.55
C ARG B 125 -12.24 -17.31 -5.45
N PHE B 126 -13.15 -16.85 -6.32
CA PHE B 126 -13.63 -15.48 -6.29
C PHE B 126 -15.09 -15.54 -5.93
N PHE B 127 -15.58 -14.45 -5.35
CA PHE B 127 -16.94 -14.39 -4.88
C PHE B 127 -17.61 -13.34 -5.74
N GLN B 128 -18.68 -13.73 -6.43
CA GLN B 128 -19.47 -12.76 -7.17
C GLN B 128 -20.36 -12.03 -6.17
N LEU B 129 -20.48 -10.72 -6.35
CA LEU B 129 -21.18 -9.84 -5.43
C LEU B 129 -22.05 -8.83 -6.19
N TYR B 130 -23.25 -8.60 -5.68
CA TYR B 130 -24.08 -7.47 -6.05
C TYR B 130 -24.08 -6.50 -4.88
N VAL B 131 -24.03 -5.20 -5.16
CA VAL B 131 -24.20 -4.21 -4.10
C VAL B 131 -25.69 -4.08 -3.78
N TYR B 132 -26.07 -4.56 -2.61
CA TYR B 132 -27.46 -4.54 -2.15
C TYR B 132 -27.84 -3.23 -1.47
N LYS B 133 -29.11 -2.86 -1.57
CA LYS B 133 -29.63 -1.65 -0.90
C LYS B 133 -29.16 -1.58 0.55
N ASP B 134 -29.25 -2.70 1.26
CA ASP B 134 -28.75 -2.76 2.64
C ASP B 134 -27.25 -3.05 2.59
N ARG B 135 -26.46 -1.99 2.69
CA ARG B 135 -25.00 -2.05 2.67
C ARG B 135 -24.44 -2.96 3.76
N ASN B 136 -25.14 -3.01 4.89
CA ASN B 136 -24.79 -3.90 5.99
C ASN B 136 -24.80 -5.39 5.58
N VAL B 137 -25.73 -5.75 4.69
CA VAL B 137 -25.82 -7.09 4.16
C VAL B 137 -24.61 -7.40 3.27
N VAL B 138 -24.22 -6.41 2.47
CA VAL B 138 -23.02 -6.52 1.63
C VAL B 138 -21.78 -6.74 2.49
N ALA B 139 -21.66 -6.01 3.60
CA ALA B 139 -20.53 -6.21 4.52
C ALA B 139 -20.48 -7.63 5.11
N GLN B 140 -21.64 -8.13 5.53
CA GLN B 140 -21.75 -9.49 6.07
C GLN B 140 -21.39 -10.55 5.03
N LEU B 141 -21.78 -10.31 3.78
CA LEU B 141 -21.47 -11.22 2.67
C LEU B 141 -19.96 -11.26 2.42
N VAL B 142 -19.33 -10.10 2.50
CA VAL B 142 -17.90 -9.98 2.22
C VAL B 142 -17.13 -10.59 3.37
N ARG B 143 -17.57 -10.29 4.59
CA ARG B 143 -16.97 -10.85 5.79
C ARG B 143 -17.04 -12.39 5.79
N ARG B 144 -18.16 -12.93 5.30
CA ARG B 144 -18.25 -14.40 5.18
C ARG B 144 -17.30 -14.96 4.12
N ALA B 145 -17.19 -14.26 3.00
CA ALA B 145 -16.31 -14.70 1.91
C ALA B 145 -14.82 -14.62 2.32
N GLU B 146 -14.48 -13.61 3.12
CA GLU B 146 -13.10 -13.46 3.60
C GLU B 146 -12.71 -14.59 4.54
N ARG B 147 -13.61 -14.88 5.48
CA ARG B 147 -13.39 -15.94 6.47
C ARG B 147 -13.32 -17.30 5.81
N ALA B 148 -14.00 -17.44 4.66
CA ALA B 148 -14.01 -18.68 3.90
C ALA B 148 -12.82 -18.87 2.96
N GLY B 149 -11.89 -17.91 2.96
CA GLY B 149 -10.66 -17.97 2.15
C GLY B 149 -10.72 -17.43 0.72
N PHE B 150 -11.81 -16.75 0.37
CA PHE B 150 -11.98 -16.25 -1.00
C PHE B 150 -11.01 -15.09 -1.31
N LYS B 151 -10.56 -15.03 -2.56
CA LYS B 151 -9.42 -14.17 -2.89
C LYS B 151 -9.77 -12.84 -3.56
N ALA B 152 -11.03 -12.65 -3.96
CA ALA B 152 -11.38 -11.45 -4.73
C ALA B 152 -12.87 -11.35 -4.97
N ILE B 153 -13.32 -10.11 -5.17
CA ILE B 153 -14.73 -9.84 -5.41
C ILE B 153 -14.93 -9.62 -6.91
N ALA B 154 -15.90 -10.30 -7.50
CA ALA B 154 -16.33 -9.96 -8.87
C ALA B 154 -17.63 -9.19 -8.76
N LEU B 155 -17.51 -7.87 -8.90
CA LEU B 155 -18.64 -6.97 -8.76
C LEU B 155 -19.47 -6.95 -10.04
N THR B 156 -20.75 -7.28 -9.92
CA THR B 156 -21.66 -7.19 -11.05
C THR B 156 -22.44 -5.88 -11.00
N VAL B 157 -22.40 -5.12 -12.08
CA VAL B 157 -23.03 -3.80 -12.16
C VAL B 157 -24.43 -3.85 -12.80
N ASP B 158 -24.74 -4.99 -13.43
CA ASP B 158 -25.94 -5.17 -14.26
C ASP B 158 -27.27 -5.19 -13.46
N THR B 159 -28.36 -5.51 -14.17
CA THR B 159 -29.76 -5.47 -13.69
C THR B 159 -30.32 -4.05 -13.73
N LYS B 170 -40.20 -15.49 -19.50
CA LYS B 170 -40.52 -16.84 -19.94
C LYS B 170 -39.76 -17.90 -19.13
N ASN B 171 -38.45 -17.69 -18.97
CA ASN B 171 -37.58 -18.63 -18.27
C ASN B 171 -37.44 -18.31 -16.78
N ARG B 172 -38.40 -18.77 -15.99
CA ARG B 172 -38.39 -18.59 -14.54
C ARG B 172 -38.86 -19.86 -13.83
N PHE B 173 -38.41 -20.02 -12.58
CA PHE B 173 -38.76 -21.17 -11.74
C PHE B 173 -38.59 -20.83 -10.26
N VAL B 174 -39.17 -21.67 -9.40
CA VAL B 174 -38.96 -21.57 -7.96
C VAL B 174 -38.02 -22.67 -7.48
N LEU B 175 -37.18 -22.33 -6.51
CA LEU B 175 -36.33 -23.30 -5.84
C LEU B 175 -37.19 -24.21 -4.97
N PRO B 176 -37.20 -25.52 -5.29
CA PRO B 176 -37.96 -26.48 -4.49
C PRO B 176 -37.53 -26.40 -3.01
N PRO B 177 -38.51 -26.39 -2.09
CA PRO B 177 -38.39 -25.94 -0.69
C PRO B 177 -37.05 -26.20 0.01
N PHE B 178 -36.44 -27.34 -0.28
CA PHE B 178 -35.18 -27.75 0.35
C PHE B 178 -33.95 -26.91 0.00
N LEU B 179 -33.89 -26.40 -1.24
CA LEU B 179 -32.74 -25.59 -1.69
C LEU B 179 -32.92 -24.10 -1.38
N THR B 180 -31.88 -23.48 -0.83
CA THR B 180 -31.94 -22.03 -0.58
C THR B 180 -30.76 -21.28 -1.20
N LEU B 181 -30.86 -19.95 -1.17
CA LEU B 181 -29.75 -19.08 -1.51
C LEU B 181 -28.86 -19.00 -0.28
N LYS B 182 -27.93 -19.95 -0.24
CA LYS B 182 -27.16 -20.29 0.96
C LYS B 182 -26.23 -19.18 1.51
N ASN B 183 -25.76 -18.29 0.66
CA ASN B 183 -24.96 -17.14 1.11
C ASN B 183 -25.75 -16.10 1.90
N PHE B 184 -27.06 -16.12 1.76
CA PHE B 184 -27.92 -15.19 2.48
C PHE B 184 -28.52 -15.78 3.75
N GLU B 185 -28.50 -17.11 3.84
CA GLU B 185 -29.07 -17.80 5.00
C GLU B 185 -28.25 -17.52 6.24
N GLY B 186 -28.94 -17.10 7.30
CA GLY B 186 -28.31 -16.86 8.59
C GLY B 186 -27.78 -15.46 8.75
N LEU B 187 -28.00 -14.59 7.76
CA LEU B 187 -27.55 -13.21 7.86
C LEU B 187 -28.57 -12.36 8.60
N ASP B 188 -28.09 -11.28 9.22
CA ASP B 188 -28.97 -10.27 9.77
C ASP B 188 -29.45 -9.37 8.63
N LEU B 189 -30.72 -9.52 8.28
CA LEU B 189 -31.34 -8.76 7.20
C LEU B 189 -32.25 -7.65 7.72
N GLY B 190 -32.23 -7.41 9.04
CA GLY B 190 -33.03 -6.35 9.68
C GLY B 190 -34.53 -6.43 9.42
N SER B 198 -39.82 -18.89 0.94
CA SER B 198 -39.80 -18.07 -0.28
C SER B 198 -39.62 -16.58 0.04
N GLY B 199 -39.45 -16.26 1.33
CA GLY B 199 -39.18 -14.91 1.78
C GLY B 199 -37.77 -14.46 1.41
N LEU B 200 -36.82 -15.39 1.50
CA LEU B 200 -35.42 -15.12 1.15
C LEU B 200 -35.22 -14.89 -0.35
N ALA B 201 -35.84 -15.75 -1.18
CA ALA B 201 -35.80 -15.64 -2.64
C ALA B 201 -36.22 -14.24 -3.12
N SER B 202 -37.39 -13.78 -2.65
CA SER B 202 -37.91 -12.44 -3.00
C SER B 202 -36.96 -11.34 -2.56
N TYR B 203 -36.44 -11.46 -1.34
CA TYR B 203 -35.48 -10.51 -0.81
C TYR B 203 -34.28 -10.32 -1.73
N VAL B 204 -33.56 -11.40 -2.01
CA VAL B 204 -32.33 -11.28 -2.81
C VAL B 204 -32.62 -10.77 -4.23
N ALA B 205 -33.75 -11.22 -4.81
CA ALA B 205 -34.09 -10.91 -6.20
C ALA B 205 -34.66 -9.51 -6.38
N GLY B 206 -35.17 -8.92 -5.30
CA GLY B 206 -35.82 -7.63 -5.37
C GLY B 206 -35.20 -6.52 -4.55
N GLN B 207 -34.05 -6.78 -3.94
CA GLN B 207 -33.38 -5.77 -3.12
C GLN B 207 -32.02 -5.35 -3.65
N ILE B 208 -31.78 -5.58 -4.94
CA ILE B 208 -30.60 -5.07 -5.63
C ILE B 208 -30.72 -3.55 -5.83
N ASP B 209 -29.63 -2.83 -5.62
CA ASP B 209 -29.60 -1.38 -5.77
C ASP B 209 -29.59 -0.98 -7.24
N ARG B 210 -30.38 0.02 -7.60
CA ARG B 210 -30.49 0.46 -8.99
C ARG B 210 -29.79 1.79 -9.24
N THR B 211 -29.10 2.29 -8.23
CA THR B 211 -28.48 3.61 -8.29
C THR B 211 -26.95 3.54 -8.31
N LEU B 212 -26.42 2.34 -8.52
CA LEU B 212 -24.97 2.11 -8.46
C LEU B 212 -24.15 3.11 -9.28
N SER B 213 -23.26 3.81 -8.60
CA SER B 213 -22.27 4.67 -9.25
C SER B 213 -20.87 4.26 -8.88
N TRP B 214 -19.87 4.93 -9.45
CA TRP B 214 -18.49 4.68 -9.11
C TRP B 214 -18.17 4.94 -7.66
N LYS B 215 -19.01 5.74 -7.00
CA LYS B 215 -18.83 6.05 -5.57
C LYS B 215 -18.96 4.78 -4.73
N ASP B 216 -19.70 3.82 -5.27
CA ASP B 216 -19.99 2.57 -4.60
C ASP B 216 -18.84 1.57 -4.76
N VAL B 217 -18.09 1.68 -5.86
CA VAL B 217 -16.83 0.93 -5.98
C VAL B 217 -15.82 1.44 -4.95
N GLN B 218 -15.84 2.75 -4.68
CA GLN B 218 -14.99 3.38 -3.65
C GLN B 218 -15.41 2.91 -2.27
N TRP B 219 -16.71 3.02 -2.00
CA TRP B 219 -17.27 2.55 -0.75
C TRP B 219 -16.90 1.12 -0.43
N LEU B 220 -16.93 0.25 -1.44
CA LEU B 220 -16.63 -1.18 -1.24
C LEU B 220 -15.21 -1.38 -0.72
N GLN B 221 -14.30 -0.53 -1.16
CA GLN B 221 -12.91 -0.58 -0.71
C GLN B 221 -12.73 -0.11 0.75
N THR B 222 -13.74 0.53 1.32
CA THR B 222 -13.68 0.89 2.74
C THR B 222 -14.18 -0.23 3.66
N ILE B 223 -14.98 -1.16 3.13
CA ILE B 223 -15.40 -2.31 3.92
C ILE B 223 -14.52 -3.58 3.75
N THR B 224 -13.65 -3.61 2.74
CA THR B 224 -12.78 -4.77 2.50
C THR B 224 -11.47 -4.43 1.80
N SER B 225 -10.45 -5.24 2.06
CA SER B 225 -9.15 -5.13 1.43
C SER B 225 -8.98 -6.05 0.23
N LEU B 226 -10.00 -6.87 -0.06
CA LEU B 226 -9.92 -7.83 -1.15
C LEU B 226 -9.95 -7.08 -2.48
N PRO B 227 -9.19 -7.59 -3.47
CA PRO B 227 -9.17 -6.96 -4.80
C PRO B 227 -10.57 -7.00 -5.43
N ILE B 228 -10.98 -5.91 -6.07
CA ILE B 228 -12.30 -5.83 -6.69
C ILE B 228 -12.18 -5.89 -8.20
N LEU B 229 -12.87 -6.85 -8.80
CA LEU B 229 -12.99 -6.93 -10.25
C LEU B 229 -14.30 -6.30 -10.68
N VAL B 230 -14.27 -5.44 -11.69
CA VAL B 230 -15.48 -4.83 -12.22
C VAL B 230 -15.89 -5.42 -13.59
N LYS B 231 -17.13 -5.87 -13.66
CA LYS B 231 -17.66 -6.60 -14.81
C LYS B 231 -18.57 -5.70 -15.61
N GLY B 232 -18.45 -5.77 -16.93
CA GLY B 232 -19.35 -5.05 -17.82
C GLY B 232 -18.77 -3.84 -18.52
N VAL B 233 -17.44 -3.70 -18.48
CA VAL B 233 -16.75 -2.57 -19.10
C VAL B 233 -16.56 -2.85 -20.59
N LEU B 234 -17.05 -1.93 -21.42
CA LEU B 234 -17.02 -2.10 -22.89
C LEU B 234 -16.44 -0.89 -23.60
N THR B 235 -16.02 0.12 -22.84
CA THR B 235 -15.50 1.36 -23.42
C THR B 235 -14.16 1.71 -22.80
N ALA B 236 -13.34 2.44 -23.54
CA ALA B 236 -12.10 3.00 -23.00
C ALA B 236 -12.44 3.85 -21.81
N GLU B 237 -13.51 4.62 -21.92
CA GLU B 237 -13.88 5.59 -20.90
C GLU B 237 -14.12 4.93 -19.55
N ASP B 238 -14.88 3.85 -19.54
CA ASP B 238 -15.16 3.14 -18.29
C ASP B 238 -13.96 2.33 -17.76
N ALA B 239 -13.10 1.84 -18.65
CA ALA B 239 -11.84 1.22 -18.24
C ALA B 239 -10.99 2.19 -17.44
N ARG B 240 -10.85 3.41 -17.96
CA ARG B 240 -10.15 4.49 -17.23
C ARG B 240 -10.79 4.79 -15.86
N LEU B 241 -12.12 4.87 -15.83
CA LEU B 241 -12.79 5.13 -14.56
C LEU B 241 -12.60 3.96 -13.57
N ALA B 242 -12.64 2.72 -14.09
CA ALA B 242 -12.37 1.54 -13.28
C ALA B 242 -10.95 1.59 -12.67
N VAL B 243 -9.94 1.89 -13.49
CA VAL B 243 -8.58 2.01 -12.98
C VAL B 243 -8.49 3.09 -11.87
N GLN B 244 -9.07 4.26 -12.13
CA GLN B 244 -9.07 5.38 -11.17
C GLN B 244 -9.86 5.10 -9.90
N ALA B 245 -10.89 4.26 -10.00
CA ALA B 245 -11.71 3.93 -8.84
C ALA B 245 -11.04 2.92 -7.91
N GLY B 246 -9.90 2.37 -8.32
CA GLY B 246 -9.19 1.35 -7.55
C GLY B 246 -9.60 -0.10 -7.82
N ALA B 247 -10.13 -0.37 -9.01
CA ALA B 247 -10.48 -1.74 -9.38
C ALA B 247 -9.21 -2.54 -9.56
N ALA B 248 -9.22 -3.80 -9.13
CA ALA B 248 -8.05 -4.66 -9.31
C ALA B 248 -8.02 -5.30 -10.70
N GLY B 249 -9.15 -5.22 -11.42
CA GLY B 249 -9.27 -5.86 -12.73
C GLY B 249 -10.60 -5.59 -13.38
N ILE B 250 -10.69 -5.92 -14.66
CA ILE B 250 -11.85 -5.60 -15.47
C ILE B 250 -12.28 -6.87 -16.17
N ILE B 251 -13.59 -7.10 -16.20
CA ILE B 251 -14.16 -8.20 -16.96
C ILE B 251 -15.00 -7.62 -18.10
N VAL B 252 -14.56 -7.86 -19.33
CA VAL B 252 -15.29 -7.42 -20.51
C VAL B 252 -16.35 -8.47 -20.76
N SER B 253 -17.60 -8.07 -20.60
CA SER B 253 -18.73 -8.99 -20.59
C SER B 253 -20.02 -8.22 -20.88
N ASN B 254 -20.92 -8.81 -21.65
CA ASN B 254 -22.28 -8.28 -21.86
C ASN B 254 -23.00 -9.21 -22.85
N HIS B 255 -24.01 -9.94 -22.35
CA HIS B 255 -24.74 -10.92 -23.16
C HIS B 255 -25.77 -10.30 -24.07
N GLY B 256 -26.08 -9.03 -23.85
CA GLY B 256 -27.02 -8.29 -24.69
C GLY B 256 -28.47 -8.68 -24.51
N ALA B 257 -29.37 -7.88 -25.09
CA ALA B 257 -30.80 -8.06 -24.94
C ALA B 257 -31.40 -8.26 -26.32
N ARG B 258 -31.69 -9.51 -26.67
CA ARG B 258 -32.09 -9.84 -28.04
C ARG B 258 -33.52 -9.45 -28.41
N GLN B 259 -34.42 -9.42 -27.43
CA GLN B 259 -35.82 -9.05 -27.67
C GLN B 259 -35.87 -7.59 -28.10
N LEU B 260 -35.08 -6.78 -27.40
CA LEU B 260 -34.95 -5.36 -27.65
C LEU B 260 -34.17 -5.08 -28.91
N ASP B 261 -33.41 -6.07 -29.36
CA ASP B 261 -32.40 -5.91 -30.41
C ASP B 261 -31.30 -4.94 -29.93
N TYR B 262 -30.80 -5.22 -28.72
CA TYR B 262 -29.72 -4.46 -28.11
C TYR B 262 -28.47 -5.32 -28.05
N VAL B 263 -27.64 -5.17 -29.08
CA VAL B 263 -26.42 -5.96 -29.25
C VAL B 263 -25.19 -5.06 -29.06
N PRO B 264 -24.45 -5.30 -27.96
CA PRO B 264 -23.21 -4.55 -27.73
C PRO B 264 -22.01 -5.21 -28.41
N SER B 265 -21.11 -4.38 -28.93
CA SER B 265 -19.85 -4.88 -29.47
C SER B 265 -18.94 -5.21 -28.30
N THR B 266 -18.57 -6.49 -28.20
CA THR B 266 -17.85 -7.03 -27.05
C THR B 266 -16.40 -7.39 -27.41
N ILE B 267 -16.20 -8.01 -28.58
CA ILE B 267 -14.84 -8.35 -29.02
C ILE B 267 -14.09 -7.13 -29.57
N MET B 268 -14.81 -6.21 -30.22
CA MET B 268 -14.23 -4.93 -30.63
C MET B 268 -13.74 -4.15 -29.42
N ALA B 269 -14.56 -4.16 -28.38
CA ALA B 269 -14.29 -3.43 -27.15
C ALA B 269 -13.05 -3.91 -26.41
N LEU B 270 -12.76 -5.22 -26.48
CA LEU B 270 -11.72 -5.82 -25.63
C LEU B 270 -10.36 -5.13 -25.80
N GLU B 271 -9.95 -4.97 -27.05
CA GLU B 271 -8.66 -4.36 -27.40
C GLU B 271 -8.63 -2.91 -26.92
N GLU B 272 -9.73 -2.21 -27.18
CA GLU B 272 -9.91 -0.84 -26.71
C GLU B 272 -9.85 -0.75 -25.17
N VAL B 273 -10.45 -1.71 -24.48
CA VAL B 273 -10.42 -1.71 -23.00
C VAL B 273 -9.01 -2.04 -22.50
N VAL B 274 -8.33 -2.94 -23.20
CA VAL B 274 -6.96 -3.34 -22.86
C VAL B 274 -5.98 -2.18 -22.97
N LYS B 275 -6.11 -1.39 -24.05
CA LYS B 275 -5.24 -0.24 -24.27
C LYS B 275 -5.51 0.87 -23.28
N ALA B 276 -6.78 1.09 -22.97
CA ALA B 276 -7.17 2.10 -21.98
C ALA B 276 -6.70 1.77 -20.55
N ALA B 277 -6.64 0.48 -20.23
CA ALA B 277 -6.14 0.04 -18.92
C ALA B 277 -4.61 0.25 -18.77
N GLN B 278 -3.93 0.41 -19.91
CA GLN B 278 -2.50 0.73 -19.94
C GLN B 278 -1.62 -0.21 -19.10
N GLY B 279 -1.88 -1.52 -19.16
CA GLY B 279 -1.12 -2.53 -18.39
C GLY B 279 -1.18 -2.38 -16.88
N ARG B 280 -2.07 -1.53 -16.38
CA ARG B 280 -2.16 -1.26 -14.93
C ARG B 280 -2.84 -2.39 -14.18
N ILE B 281 -3.88 -2.95 -14.78
CA ILE B 281 -4.65 -4.05 -14.16
C ILE B 281 -5.01 -5.02 -15.28
N PRO B 282 -5.27 -6.29 -14.91
CA PRO B 282 -5.61 -7.26 -15.94
C PRO B 282 -7.01 -7.04 -16.48
N VAL B 283 -7.23 -7.44 -17.73
CA VAL B 283 -8.53 -7.37 -18.36
C VAL B 283 -8.91 -8.79 -18.77
N PHE B 284 -10.11 -9.22 -18.40
CA PHE B 284 -10.64 -10.55 -18.75
C PHE B 284 -11.85 -10.48 -19.68
N LEU B 285 -11.98 -11.50 -20.51
CA LEU B 285 -13.14 -11.65 -21.39
C LEU B 285 -14.07 -12.73 -20.84
N ASP B 286 -15.36 -12.44 -20.78
CA ASP B 286 -16.36 -13.46 -20.51
C ASP B 286 -17.49 -13.30 -21.51
N GLY B 287 -17.75 -14.35 -22.29
CA GLY B 287 -18.86 -14.35 -23.22
C GLY B 287 -18.55 -15.16 -24.47
N GLY B 288 -19.15 -16.34 -24.56
CA GLY B 288 -19.11 -17.16 -25.77
C GLY B 288 -17.78 -17.83 -26.03
N VAL B 289 -16.91 -17.92 -25.02
CA VAL B 289 -15.67 -18.66 -25.22
C VAL B 289 -16.00 -20.15 -25.22
N ARG B 290 -15.73 -20.82 -26.35
CA ARG B 290 -16.01 -22.25 -26.48
C ARG B 290 -14.85 -23.05 -27.07
N ARG B 291 -13.92 -22.37 -27.72
CA ARG B 291 -12.85 -23.06 -28.42
C ARG B 291 -11.49 -22.54 -27.98
N GLY B 292 -10.49 -23.42 -28.04
CA GLY B 292 -9.09 -23.06 -27.75
C GLY B 292 -8.63 -21.91 -28.62
N THR B 293 -9.16 -21.85 -29.84
CA THR B 293 -8.91 -20.74 -30.73
C THR B 293 -9.51 -19.44 -30.22
N ASP B 294 -10.69 -19.49 -29.60
CA ASP B 294 -11.29 -18.29 -29.00
C ASP B 294 -10.41 -17.77 -27.86
N VAL B 295 -9.87 -18.70 -27.07
CA VAL B 295 -9.02 -18.39 -25.92
C VAL B 295 -7.78 -17.66 -26.40
N PHE B 296 -7.10 -18.26 -27.38
CA PHE B 296 -5.94 -17.67 -28.00
C PHE B 296 -6.26 -16.26 -28.50
N LYS B 297 -7.36 -16.13 -29.26
CA LYS B 297 -7.69 -14.87 -29.90
C LYS B 297 -7.96 -13.82 -28.85
N ALA B 298 -8.61 -14.20 -27.75
CA ALA B 298 -8.89 -13.26 -26.68
C ALA B 298 -7.59 -12.73 -26.07
N LEU B 299 -6.60 -13.61 -25.94
CA LEU B 299 -5.33 -13.25 -25.31
C LEU B 299 -4.47 -12.45 -26.28
N ALA B 300 -4.52 -12.80 -27.57
CA ALA B 300 -3.81 -12.03 -28.59
C ALA B 300 -4.36 -10.60 -28.64
N LEU B 301 -5.64 -10.48 -28.32
CA LEU B 301 -6.30 -9.18 -28.25
C LEU B 301 -5.92 -8.36 -27.02
N GLY B 302 -5.34 -9.00 -26.02
CA GLY B 302 -4.84 -8.29 -24.83
C GLY B 302 -5.35 -8.81 -23.50
N ALA B 303 -6.34 -9.70 -23.54
CA ALA B 303 -6.87 -10.30 -22.33
C ALA B 303 -5.79 -11.07 -21.60
N SER B 304 -5.88 -11.09 -20.27
CA SER B 304 -4.97 -11.88 -19.43
C SER B 304 -5.54 -13.27 -19.15
N GLY B 305 -6.78 -13.48 -19.55
CA GLY B 305 -7.48 -14.73 -19.27
C GLY B 305 -8.94 -14.60 -19.68
N ILE B 306 -9.65 -15.71 -19.59
CA ILE B 306 -11.06 -15.73 -19.95
C ILE B 306 -11.89 -16.51 -18.95
N PHE B 307 -13.18 -16.19 -18.86
CA PHE B 307 -14.10 -16.97 -18.06
C PHE B 307 -15.03 -17.72 -18.99
N ILE B 308 -15.38 -18.95 -18.61
CA ILE B 308 -16.44 -19.73 -19.24
C ILE B 308 -17.58 -19.99 -18.26
N GLY B 309 -18.80 -19.67 -18.69
CA GLY B 309 -19.99 -19.81 -17.87
C GLY B 309 -20.88 -20.97 -18.30
N ARG B 310 -21.68 -20.75 -19.34
CA ARG B 310 -22.66 -21.75 -19.79
C ARG B 310 -22.15 -23.17 -19.98
N PRO B 311 -20.97 -23.34 -20.63
CA PRO B 311 -20.50 -24.72 -20.84
C PRO B 311 -20.34 -25.50 -19.54
N VAL B 312 -20.02 -24.79 -18.47
CA VAL B 312 -19.81 -25.37 -17.16
C VAL B 312 -21.13 -25.91 -16.57
N VAL B 313 -22.19 -25.10 -16.56
CA VAL B 313 -23.49 -25.62 -16.08
C VAL B 313 -23.95 -26.81 -16.91
N PHE B 314 -23.90 -26.68 -18.22
CA PHE B 314 -24.34 -27.76 -19.12
C PHE B 314 -23.64 -29.07 -18.85
N SER B 315 -22.30 -29.03 -18.79
CA SER B 315 -21.50 -30.22 -18.59
C SER B 315 -21.72 -30.76 -17.18
N LEU B 316 -22.10 -29.88 -16.27
CA LEU B 316 -22.45 -30.30 -14.92
C LEU B 316 -23.77 -31.05 -14.97
N ALA B 317 -24.75 -30.48 -15.67
CA ALA B 317 -26.05 -31.13 -15.84
C ALA B 317 -25.94 -32.54 -16.42
N ALA B 318 -24.97 -32.73 -17.31
CA ALA B 318 -24.82 -33.96 -18.08
C ALA B 318 -23.98 -35.06 -17.41
N GLU B 319 -22.87 -34.68 -16.77
CA GLU B 319 -21.94 -35.67 -16.24
C GLU B 319 -21.36 -35.32 -14.87
N GLY B 320 -22.02 -34.41 -14.15
CA GLY B 320 -21.54 -33.98 -12.84
C GLY B 320 -20.15 -33.39 -12.86
N GLU B 321 -19.40 -33.68 -11.79
CA GLU B 321 -18.02 -33.23 -11.66
C GLU B 321 -17.16 -33.66 -12.85
N ALA B 322 -17.40 -34.88 -13.33
CA ALA B 322 -16.67 -35.41 -14.49
C ALA B 322 -16.95 -34.61 -15.77
N GLY B 323 -18.14 -34.02 -15.86
CA GLY B 323 -18.52 -33.18 -16.98
C GLY B 323 -17.73 -31.87 -17.08
N ILE B 324 -17.72 -31.08 -16.01
CA ILE B 324 -16.89 -29.86 -16.01
C ILE B 324 -15.39 -30.12 -16.20
N LYS B 325 -14.88 -31.16 -15.55
CA LYS B 325 -13.51 -31.63 -15.75
C LYS B 325 -13.17 -31.81 -17.25
N LYS B 326 -14.06 -32.47 -17.99
CA LYS B 326 -13.86 -32.74 -19.43
C LYS B 326 -13.93 -31.45 -20.24
N VAL B 327 -14.87 -30.57 -19.88
CA VAL B 327 -15.01 -29.28 -20.52
C VAL B 327 -13.72 -28.48 -20.38
N LEU B 328 -13.18 -28.46 -19.17
CA LEU B 328 -11.92 -27.80 -18.88
C LEU B 328 -10.77 -28.43 -19.63
N GLN B 329 -10.79 -29.76 -19.78
CA GLN B 329 -9.69 -30.46 -20.43
C GLN B 329 -9.72 -30.30 -21.94
N MET B 330 -10.91 -30.24 -22.53
CA MET B 330 -11.03 -30.04 -23.98
C MET B 330 -10.60 -28.62 -24.40
N LEU B 331 -11.06 -27.61 -23.68
CA LEU B 331 -10.60 -26.22 -23.88
C LEU B 331 -9.08 -26.11 -23.75
N ARG B 332 -8.54 -26.68 -22.67
CA ARG B 332 -7.08 -26.69 -22.43
C ARG B 332 -6.31 -27.34 -23.58
N ASP B 333 -6.78 -28.52 -24.00
CA ASP B 333 -6.14 -29.29 -25.07
C ASP B 333 -6.14 -28.50 -26.37
N GLU B 334 -7.27 -27.91 -26.72
CA GLU B 334 -7.38 -27.14 -27.96
C GLU B 334 -6.53 -25.89 -27.91
N PHE B 335 -6.51 -25.23 -26.75
CA PHE B 335 -5.69 -24.06 -26.56
C PHE B 335 -4.21 -24.41 -26.71
N GLU B 336 -3.81 -25.53 -26.10
CA GLU B 336 -2.41 -25.96 -26.18
C GLU B 336 -1.97 -26.13 -27.65
N LEU B 337 -2.81 -26.80 -28.43
CA LEU B 337 -2.53 -27.05 -29.84
C LEU B 337 -2.59 -25.76 -30.65
N THR B 338 -3.47 -24.85 -30.27
CA THR B 338 -3.56 -23.57 -30.96
C THR B 338 -2.28 -22.77 -30.77
N MET B 339 -1.75 -22.80 -29.55
CA MET B 339 -0.45 -22.21 -29.24
C MET B 339 0.69 -22.84 -30.06
N ALA B 340 0.73 -24.17 -30.13
CA ALA B 340 1.78 -24.88 -30.90
C ALA B 340 1.73 -24.56 -32.40
N LEU B 341 0.53 -24.52 -32.99
CA LEU B 341 0.37 -24.21 -34.39
C LEU B 341 0.80 -22.79 -34.75
N SER B 342 0.70 -21.88 -33.76
CA SER B 342 1.02 -20.46 -33.93
C SER B 342 2.47 -20.07 -33.63
N GLY B 343 3.20 -20.93 -32.94
CA GLY B 343 4.58 -20.63 -32.56
C GLY B 343 4.70 -19.92 -31.24
N CYS B 344 3.79 -20.23 -30.31
CA CYS B 344 3.83 -19.59 -28.99
C CYS B 344 4.09 -20.66 -27.95
N ARG B 345 5.17 -20.50 -27.20
CA ARG B 345 5.61 -21.50 -26.21
C ARG B 345 5.04 -21.23 -24.80
N SER B 346 4.67 -19.97 -24.56
CA SER B 346 4.13 -19.51 -23.29
C SER B 346 3.13 -18.40 -23.57
N LEU B 347 2.40 -17.96 -22.55
CA LEU B 347 1.38 -16.93 -22.74
C LEU B 347 2.01 -15.61 -23.18
N ASN B 348 3.18 -15.30 -22.62
CA ASN B 348 3.93 -14.10 -22.96
C ASN B 348 4.24 -13.97 -24.47
N GLU B 349 4.24 -15.10 -25.18
CA GLU B 349 4.52 -15.07 -26.61
C GLU B 349 3.26 -14.99 -27.51
N ILE B 350 2.09 -14.97 -26.91
CA ILE B 350 0.87 -14.74 -27.67
C ILE B 350 0.80 -13.22 -27.85
N THR B 351 1.10 -12.74 -29.05
CA THR B 351 1.07 -11.30 -29.31
C THR B 351 -0.07 -10.93 -30.27
N ARG B 352 -0.36 -9.63 -30.34
CA ARG B 352 -1.38 -9.08 -31.22
C ARG B 352 -1.08 -9.41 -32.70
N ASN B 353 0.21 -9.46 -33.05
CA ASN B 353 0.64 -9.88 -34.39
C ASN B 353 0.42 -11.36 -34.75
N HIS B 354 -0.18 -12.10 -33.83
CA HIS B 354 -0.47 -13.51 -34.11
C HIS B 354 -1.81 -13.69 -34.73
N ILE B 355 -2.55 -12.60 -34.84
CA ILE B 355 -3.92 -12.63 -35.39
C ILE B 355 -4.16 -11.49 -36.38
N VAL B 356 -5.03 -11.74 -37.35
CA VAL B 356 -5.51 -10.69 -38.25
C VAL B 356 -7.00 -10.50 -38.02
N THR B 357 -7.38 -9.28 -37.65
CA THR B 357 -8.78 -8.91 -37.54
C THR B 357 -9.19 -8.14 -38.80
N GLU B 358 -10.49 -8.10 -39.08
CA GLU B 358 -10.99 -7.37 -40.24
C GLU B 358 -10.70 -5.87 -40.14
N TRP B 359 -10.56 -5.36 -38.91
CA TRP B 359 -10.26 -3.93 -38.69
C TRP B 359 -8.78 -3.58 -38.66
N ASP B 360 -7.93 -4.55 -38.99
CA ASP B 360 -6.48 -4.31 -39.09
C ASP B 360 -6.10 -3.61 -40.40
N ALA B 361 -5.00 -2.86 -40.36
CA ALA B 361 -4.41 -2.25 -41.56
C ALA B 361 -3.62 -3.30 -42.34
N PRO B 362 -3.93 -3.46 -43.65
CA PRO B 362 -3.35 -4.51 -44.50
C PRO B 362 -1.83 -4.45 -44.62
N ARG B 363 -1.19 -5.62 -44.67
CA ARG B 363 0.26 -5.71 -44.75
C ARG B 363 0.78 -5.74 -46.20
N ALA B 364 0.27 -4.83 -47.01
CA ALA B 364 0.81 -4.55 -48.34
C ALA B 364 1.26 -3.08 -48.37
N ALA B 365 2.36 -2.80 -47.67
CA ALA B 365 2.86 -1.44 -47.49
C ALA B 365 4.24 -1.24 -48.14
N LEU B 366 4.47 -0.01 -48.61
CA LEU B 366 5.75 0.36 -49.24
C LEU B 366 6.34 1.61 -48.58
N VAL C 4 14.24 48.24 -12.48
CA VAL C 4 14.00 46.85 -13.00
C VAL C 4 12.53 46.71 -13.41
N THR C 5 12.31 46.51 -14.71
CA THR C 5 10.97 46.25 -15.24
C THR C 5 10.74 44.75 -15.47
N ASN C 6 11.84 43.99 -15.65
CA ASN C 6 11.75 42.58 -15.98
C ASN C 6 12.87 41.73 -15.37
N VAL C 7 12.57 40.43 -15.22
CA VAL C 7 13.45 39.45 -14.58
C VAL C 7 14.87 39.43 -15.18
N MET C 8 14.96 39.55 -16.50
CA MET C 8 16.22 39.45 -17.24
C MET C 8 17.28 40.53 -16.97
N GLU C 9 16.86 41.71 -16.49
CA GLU C 9 17.85 42.77 -16.22
C GLU C 9 18.57 42.66 -14.87
N TYR C 10 18.12 41.72 -14.02
CA TYR C 10 18.87 41.43 -12.81
C TYR C 10 20.13 40.65 -13.18
N GLU C 11 20.03 39.87 -14.26
CA GLU C 11 21.15 39.17 -14.90
C GLU C 11 22.32 40.10 -15.08
N ALA C 12 22.12 41.14 -15.89
CA ALA C 12 23.13 42.14 -16.19
C ALA C 12 23.68 42.88 -14.95
N ILE C 13 22.86 43.06 -13.91
CA ILE C 13 23.34 43.71 -12.67
C ILE C 13 24.26 42.76 -11.88
N ALA C 14 23.93 41.48 -11.90
CA ALA C 14 24.73 40.44 -11.24
C ALA C 14 26.06 40.22 -11.95
N LYS C 15 26.00 40.31 -13.28
CA LYS C 15 27.18 40.27 -14.13
C LYS C 15 28.13 41.42 -13.79
N LYS C 16 27.59 42.57 -13.40
CA LYS C 16 28.43 43.71 -12.99
C LYS C 16 28.88 43.61 -11.54
N LYS C 17 28.04 43.04 -10.67
CA LYS C 17 28.39 42.97 -9.24
C LYS C 17 29.29 41.79 -8.84
N LEU C 18 28.97 40.58 -9.32
CA LEU C 18 29.71 39.38 -8.90
C LEU C 18 31.03 39.15 -9.63
N PRO C 19 32.03 38.58 -8.93
CA PRO C 19 33.26 38.20 -9.62
C PRO C 19 32.97 37.24 -10.78
N LYS C 20 33.75 37.34 -11.85
CA LYS C 20 33.57 36.59 -13.09
C LYS C 20 33.16 35.13 -12.86
N MET C 21 33.95 34.43 -12.05
CA MET C 21 33.85 33.00 -11.85
C MET C 21 32.58 32.59 -11.09
N VAL C 22 32.04 33.51 -10.29
CA VAL C 22 30.82 33.24 -9.52
C VAL C 22 29.55 33.47 -10.36
N PHE C 23 29.53 34.57 -11.10
CA PHE C 23 28.47 34.79 -12.08
C PHE C 23 28.39 33.60 -13.05
N ASP C 24 29.54 33.23 -13.61
CA ASP C 24 29.61 32.12 -14.57
C ASP C 24 29.20 30.78 -13.97
N TYR C 25 29.60 30.56 -12.72
CA TYR C 25 29.18 29.40 -11.97
C TYR C 25 27.64 29.29 -12.03
N TYR C 26 26.93 30.37 -11.71
CA TYR C 26 25.47 30.33 -11.76
C TYR C 26 24.87 30.41 -13.18
N ALA C 27 25.45 31.23 -14.05
CA ALA C 27 24.91 31.43 -15.42
C ALA C 27 25.02 30.14 -16.25
N SER C 28 26.20 29.50 -16.16
CA SER C 28 26.51 28.33 -16.96
C SER C 28 26.76 27.03 -16.18
N GLY C 29 26.53 27.05 -14.88
CA GLY C 29 26.74 25.84 -14.05
C GLY C 29 28.22 25.60 -13.80
N ALA C 30 28.53 24.70 -12.86
CA ALA C 30 29.92 24.48 -12.43
C ALA C 30 30.79 23.81 -13.50
N GLU C 31 30.20 23.59 -14.65
CA GLU C 31 30.81 22.83 -15.74
C GLU C 31 31.04 23.72 -16.94
N ASP C 32 30.58 24.97 -16.86
CA ASP C 32 30.54 25.93 -17.96
C ASP C 32 29.68 25.45 -19.14
N GLN C 33 28.76 24.54 -18.86
CA GLN C 33 28.02 23.83 -19.91
C GLN C 33 26.68 24.42 -20.34
N TRP C 34 26.08 25.25 -19.50
CA TRP C 34 24.73 25.75 -19.77
C TRP C 34 24.69 27.00 -20.61
N THR C 35 23.52 27.28 -21.15
CA THR C 35 23.26 28.54 -21.85
C THR C 35 22.17 29.38 -21.19
N LEU C 36 22.45 30.68 -21.07
CA LEU C 36 21.54 31.66 -20.50
C LEU C 36 20.29 31.89 -21.36
N ALA C 37 20.43 31.68 -22.67
CA ALA C 37 19.30 31.78 -23.60
C ALA C 37 18.46 30.51 -23.66
N GLU C 38 18.64 29.61 -22.69
CA GLU C 38 17.90 28.36 -22.68
C GLU C 38 16.39 28.58 -22.86
N ASN C 39 15.83 27.93 -23.88
CA ASN C 39 14.36 27.93 -24.13
C ASN C 39 13.72 29.23 -24.61
N ARG C 40 14.53 30.26 -24.78
CA ARG C 40 14.03 31.57 -25.21
C ARG C 40 13.44 31.50 -26.63
N ASN C 41 14.22 30.94 -27.56
CA ASN C 41 13.77 30.78 -28.93
C ASN C 41 12.51 29.94 -28.97
N ALA C 42 12.52 28.83 -28.22
CA ALA C 42 11.40 27.89 -28.22
C ALA C 42 10.08 28.48 -27.65
N PHE C 43 10.15 29.16 -26.51
CA PHE C 43 8.97 29.86 -25.96
C PHE C 43 8.44 30.95 -26.90
N SER C 44 9.35 31.68 -27.52
CA SER C 44 8.99 32.79 -28.37
C SER C 44 8.33 32.31 -29.66
N ARG C 45 8.53 31.04 -30.01
CA ARG C 45 7.89 30.47 -31.20
C ARG C 45 6.45 29.99 -30.94
N ILE C 46 6.06 29.88 -29.66
CA ILE C 46 4.70 29.48 -29.30
C ILE C 46 3.85 30.73 -29.21
N LEU C 47 2.69 30.71 -29.87
CA LEU C 47 1.81 31.89 -29.90
C LEU C 47 0.56 31.70 -29.06
N PHE C 48 -0.12 32.80 -28.74
CA PHE C 48 -1.39 32.77 -28.00
C PHE C 48 -2.65 32.71 -28.87
N ARG C 49 -3.66 31.97 -28.37
CA ARG C 49 -5.02 31.98 -28.92
C ARG C 49 -5.94 32.59 -27.86
N PRO C 50 -6.06 33.92 -27.83
CA PRO C 50 -6.85 34.51 -26.75
C PRO C 50 -8.34 34.34 -26.92
N ARG C 51 -9.06 34.25 -25.80
CA ARG C 51 -10.52 34.32 -25.78
C ARG C 51 -10.98 35.68 -25.25
N ILE C 52 -12.05 36.20 -25.82
CA ILE C 52 -12.59 37.52 -25.42
C ILE C 52 -13.93 37.37 -24.66
N LEU C 53 -14.40 38.47 -24.06
CA LEU C 53 -15.75 38.55 -23.47
C LEU C 53 -16.00 37.45 -22.44
N ILE C 54 -15.00 37.29 -21.59
CA ILE C 54 -15.06 36.42 -20.44
C ILE C 54 -14.61 37.33 -19.32
N ASP C 55 -15.35 37.31 -18.22
CA ASP C 55 -15.05 38.16 -17.09
C ASP C 55 -13.75 37.69 -16.43
N VAL C 56 -12.69 38.49 -16.60
CA VAL C 56 -11.38 38.16 -16.02
C VAL C 56 -10.92 39.21 -14.99
N SER C 57 -11.89 39.86 -14.35
CA SER C 57 -11.59 40.84 -13.30
C SER C 57 -11.04 40.16 -12.04
N LYS C 58 -11.44 38.91 -11.80
CA LYS C 58 -10.90 38.13 -10.69
C LYS C 58 -10.20 36.87 -11.19
N ILE C 59 -8.87 36.90 -11.16
CA ILE C 59 -8.04 35.79 -11.61
C ILE C 59 -7.48 35.03 -10.41
N ASP C 60 -7.80 33.74 -10.36
CA ASP C 60 -7.26 32.83 -9.36
C ASP C 60 -5.95 32.17 -9.86
N MET C 61 -4.85 32.42 -9.15
CA MET C 61 -3.49 31.94 -9.48
C MET C 61 -3.13 30.65 -8.72
N SER C 62 -3.87 30.39 -7.64
CA SER C 62 -3.47 29.42 -6.64
C SER C 62 -3.52 27.98 -7.15
N THR C 63 -2.74 27.11 -6.51
CA THR C 63 -2.80 25.70 -6.84
C THR C 63 -2.37 24.86 -5.65
N THR C 64 -2.38 23.55 -5.83
CA THR C 64 -1.97 22.63 -4.80
C THR C 64 -0.83 21.77 -5.38
N VAL C 65 0.28 21.67 -4.64
CA VAL C 65 1.41 20.86 -5.05
C VAL C 65 1.71 19.89 -3.94
N LEU C 66 1.57 18.61 -4.25
CA LEU C 66 1.71 17.51 -3.29
C LEU C 66 0.88 17.71 -2.02
N GLY C 67 -0.38 18.11 -2.18
CA GLY C 67 -1.28 18.31 -1.05
C GLY C 67 -1.21 19.67 -0.38
N PHE C 68 -0.21 20.47 -0.72
CA PHE C 68 -0.04 21.82 -0.15
C PHE C 68 -0.56 22.92 -1.07
N LYS C 69 -1.39 23.80 -0.52
CA LYS C 69 -1.87 24.97 -1.25
C LYS C 69 -0.76 26.03 -1.36
N ILE C 70 -0.53 26.52 -2.57
CA ILE C 70 0.42 27.61 -2.82
C ILE C 70 -0.25 28.73 -3.66
N SER C 71 0.33 29.92 -3.63
CA SER C 71 -0.35 31.09 -4.21
C SER C 71 -0.23 31.19 -5.74
N MET C 72 0.70 30.42 -6.32
CA MET C 72 0.98 30.48 -7.76
C MET C 72 1.83 29.28 -8.17
N PRO C 73 1.74 28.84 -9.45
CA PRO C 73 2.48 27.65 -9.85
C PRO C 73 3.90 28.02 -10.25
N ILE C 74 4.50 28.97 -9.52
CA ILE C 74 5.84 29.45 -9.77
C ILE C 74 6.65 29.19 -8.50
N MET C 75 7.62 28.27 -8.60
CA MET C 75 8.41 27.81 -7.45
C MET C 75 9.92 28.02 -7.63
N ILE C 76 10.69 27.90 -6.55
CA ILE C 76 12.12 28.19 -6.61
C ILE C 76 12.97 26.94 -6.70
N ALA C 77 13.79 26.87 -7.75
CA ALA C 77 14.75 25.78 -7.94
C ALA C 77 15.96 25.95 -7.01
N PRO C 78 16.69 24.85 -6.75
CA PRO C 78 17.86 24.93 -5.89
C PRO C 78 19.06 25.50 -6.64
N THR C 79 19.77 26.38 -5.96
CA THR C 79 21.02 26.89 -6.44
C THR C 79 22.02 26.80 -5.28
N ALA C 80 23.24 26.40 -5.59
CA ALA C 80 24.22 26.04 -4.57
C ALA C 80 24.90 27.29 -4.03
N MET C 81 25.32 27.21 -2.75
CA MET C 81 26.27 28.14 -2.14
C MET C 81 25.85 29.60 -2.19
N GLN C 82 24.57 29.85 -1.93
CA GLN C 82 23.96 31.16 -2.20
C GLN C 82 24.59 32.32 -1.44
N LYS C 83 25.28 32.00 -0.36
CA LYS C 83 26.07 33.02 0.35
C LYS C 83 27.25 33.53 -0.49
N MET C 84 27.63 32.81 -1.55
CA MET C 84 28.54 33.38 -2.56
C MET C 84 27.92 34.53 -3.35
N ALA C 85 26.59 34.62 -3.33
CA ALA C 85 25.88 35.65 -4.07
C ALA C 85 25.53 36.85 -3.21
N HIS C 86 25.10 36.58 -1.98
CA HIS C 86 24.68 37.63 -1.05
C HIS C 86 24.89 37.18 0.37
N PRO C 87 25.40 38.09 1.23
CA PRO C 87 25.73 37.79 2.61
C PRO C 87 24.79 36.81 3.35
N GLU C 88 23.48 36.92 3.19
CA GLU C 88 22.66 35.91 3.85
C GLU C 88 21.88 34.93 2.97
N GLY C 89 22.30 34.84 1.71
CA GLY C 89 22.01 33.70 0.81
C GLY C 89 20.69 32.99 0.96
N GLU C 90 20.72 31.75 1.46
CA GLU C 90 19.54 30.87 1.57
C GLU C 90 18.43 31.42 2.47
N TYR C 91 18.84 32.22 3.46
CA TYR C 91 17.92 32.84 4.40
C TYR C 91 17.00 33.78 3.64
N ALA C 92 17.59 34.60 2.78
CA ALA C 92 16.85 35.54 1.96
C ALA C 92 15.83 34.80 1.07
N THR C 93 16.31 33.74 0.42
CA THR C 93 15.47 32.89 -0.43
C THR C 93 14.32 32.24 0.33
N ALA C 94 14.59 31.72 1.52
CA ALA C 94 13.56 31.02 2.28
C ALA C 94 12.47 31.98 2.73
N ARG C 95 12.88 33.19 3.09
CA ARG C 95 11.97 34.22 3.56
C ARG C 95 11.18 34.86 2.42
N ALA C 96 11.83 35.07 1.27
CA ALA C 96 11.15 35.64 0.12
C ALA C 96 10.12 34.64 -0.43
N ALA C 97 10.48 33.36 -0.41
CA ALA C 97 9.57 32.31 -0.87
C ALA C 97 8.32 32.17 0.05
N SER C 98 8.56 32.10 1.36
CA SER C 98 7.52 32.15 2.39
C SER C 98 6.55 33.31 2.21
N ALA C 99 7.09 34.51 2.07
CA ALA C 99 6.25 35.71 1.94
C ALA C 99 5.42 35.70 0.65
N ALA C 100 6.01 35.22 -0.43
CA ALA C 100 5.29 35.05 -1.71
C ALA C 100 4.30 33.89 -1.68
N GLY C 101 4.36 33.07 -0.62
CA GLY C 101 3.43 31.94 -0.46
C GLY C 101 3.70 30.78 -1.40
N THR C 102 4.97 30.56 -1.74
CA THR C 102 5.34 29.46 -2.63
C THR C 102 6.43 28.57 -2.04
N ILE C 103 6.97 27.68 -2.86
CA ILE C 103 7.89 26.62 -2.43
C ILE C 103 9.33 26.93 -2.84
N MET C 104 10.28 26.74 -1.92
CA MET C 104 11.71 26.77 -2.26
C MET C 104 12.29 25.36 -2.18
N THR C 105 13.27 25.06 -3.02
CA THR C 105 14.00 23.81 -2.91
C THR C 105 15.40 24.15 -2.42
N LEU C 106 15.81 23.56 -1.30
CA LEU C 106 17.14 23.82 -0.74
C LEU C 106 18.19 22.93 -1.37
N SER C 107 19.22 23.55 -1.91
CA SER C 107 20.30 22.82 -2.57
C SER C 107 21.01 21.90 -1.57
N SER C 108 21.36 20.70 -2.01
CA SER C 108 22.14 19.83 -1.13
C SER C 108 23.47 20.50 -0.79
N TRP C 109 23.94 21.37 -1.69
CA TRP C 109 25.17 22.17 -1.49
C TRP C 109 24.94 23.58 -1.02
N ALA C 110 24.08 23.76 -0.01
CA ALA C 110 23.76 25.09 0.50
C ALA C 110 24.80 25.55 1.50
N THR C 111 24.92 26.87 1.64
CA THR C 111 25.76 27.45 2.66
C THR C 111 24.96 27.81 3.90
N SER C 112 23.75 27.24 3.98
CA SER C 112 22.93 27.26 5.18
C SER C 112 22.27 25.89 5.31
N SER C 113 22.12 25.41 6.55
CA SER C 113 21.59 24.08 6.79
C SER C 113 20.07 24.09 6.75
N VAL C 114 19.47 22.90 6.68
CA VAL C 114 18.01 22.74 6.69
C VAL C 114 17.36 23.38 7.92
N GLU C 115 18.02 23.26 9.07
CA GLU C 115 17.49 23.87 10.30
C GLU C 115 17.60 25.40 10.31
N GLU C 116 18.71 25.93 9.82
CA GLU C 116 18.87 27.38 9.66
C GLU C 116 17.79 27.93 8.75
N VAL C 117 17.51 27.20 7.67
CA VAL C 117 16.47 27.56 6.73
C VAL C 117 15.08 27.43 7.39
N ALA C 118 14.88 26.36 8.16
CA ALA C 118 13.61 26.16 8.87
C ALA C 118 13.42 27.20 9.99
N SER C 119 14.53 27.60 10.61
CA SER C 119 14.52 28.65 11.64
C SER C 119 13.97 29.97 11.10
N THR C 120 14.06 30.17 9.78
CA THR C 120 13.56 31.42 9.19
C THR C 120 12.05 31.57 9.31
N GLY C 121 11.37 30.48 9.61
CA GLY C 121 9.92 30.54 9.76
C GLY C 121 9.17 29.52 8.93
N PRO C 122 7.83 29.57 8.96
CA PRO C 122 6.95 28.67 8.22
C PRO C 122 7.10 28.80 6.71
N GLY C 123 6.96 27.68 6.02
CA GLY C 123 7.06 27.65 4.58
C GLY C 123 7.18 26.23 4.12
N ILE C 124 6.64 25.96 2.94
CA ILE C 124 6.77 24.67 2.30
C ILE C 124 8.08 24.64 1.50
N ARG C 125 8.96 23.70 1.86
CA ARG C 125 10.27 23.58 1.25
C ARG C 125 10.50 22.15 0.78
N PHE C 126 11.26 22.01 -0.30
CA PHE C 126 11.72 20.71 -0.75
C PHE C 126 13.24 20.67 -0.57
N PHE C 127 13.79 19.46 -0.51
CA PHE C 127 15.24 19.31 -0.34
C PHE C 127 15.85 18.57 -1.53
N GLN C 128 16.80 19.23 -2.16
CA GLN C 128 17.53 18.62 -3.26
C GLN C 128 18.48 17.56 -2.69
N LEU C 129 18.48 16.40 -3.30
CA LEU C 129 19.24 15.27 -2.78
C LEU C 129 19.95 14.51 -3.89
N TYR C 130 21.26 14.32 -3.74
CA TYR C 130 22.03 13.37 -4.56
C TYR C 130 22.16 12.06 -3.77
N VAL C 131 22.07 10.92 -4.46
CA VAL C 131 22.29 9.64 -3.80
C VAL C 131 23.79 9.29 -3.75
N TYR C 132 24.40 9.54 -2.59
CA TYR C 132 25.80 9.21 -2.36
C TYR C 132 25.97 7.68 -2.21
N LYS C 133 27.16 7.17 -2.50
CA LYS C 133 27.44 5.73 -2.49
C LYS C 133 27.13 5.08 -1.14
N ASP C 134 27.47 5.80 -0.07
CA ASP C 134 27.15 5.38 1.28
C ASP C 134 25.66 5.66 1.54
N ARG C 135 24.85 4.61 1.48
CA ARG C 135 23.41 4.74 1.67
C ARG C 135 23.03 5.28 3.04
N ASN C 136 23.82 4.93 4.05
CA ASN C 136 23.65 5.43 5.41
C ASN C 136 23.75 6.95 5.49
N VAL C 137 24.58 7.55 4.65
CA VAL C 137 24.73 9.01 4.60
C VAL C 137 23.48 9.67 3.98
N VAL C 138 23.00 9.10 2.89
CA VAL C 138 21.76 9.56 2.27
C VAL C 138 20.65 9.55 3.33
N ALA C 139 20.51 8.41 4.02
CA ALA C 139 19.49 8.20 5.06
C ALA C 139 19.46 9.29 6.14
N GLN C 140 20.64 9.77 6.53
CA GLN C 140 20.75 10.85 7.54
C GLN C 140 20.38 12.21 6.99
N LEU C 141 20.82 12.51 5.77
CA LEU C 141 20.38 13.72 5.07
C LEU C 141 18.86 13.79 4.98
N VAL C 142 18.23 12.67 4.66
CA VAL C 142 16.78 12.58 4.52
C VAL C 142 16.06 12.72 5.87
N ARG C 143 16.59 12.06 6.89
CA ARG C 143 16.01 12.16 8.24
C ARG C 143 16.19 13.58 8.81
N ARG C 144 17.34 14.19 8.53
CA ARG C 144 17.61 15.58 8.95
C ARG C 144 16.64 16.56 8.30
N ALA C 145 16.44 16.43 6.99
CA ALA C 145 15.53 17.30 6.25
C ALA C 145 14.10 17.12 6.73
N GLU C 146 13.72 15.86 6.96
CA GLU C 146 12.38 15.52 7.47
C GLU C 146 12.13 16.14 8.84
N ARG C 147 13.10 16.03 9.73
CA ARG C 147 13.00 16.60 11.06
C ARG C 147 12.99 18.14 11.03
N ALA C 148 13.55 18.72 9.96
CA ALA C 148 13.51 20.17 9.75
C ALA C 148 12.21 20.63 9.08
N GLY C 149 11.26 19.71 8.91
CA GLY C 149 9.95 20.05 8.35
C GLY C 149 9.85 20.10 6.83
N PHE C 150 10.87 19.62 6.12
CA PHE C 150 10.84 19.63 4.65
C PHE C 150 9.81 18.63 4.08
N LYS C 151 9.25 18.93 2.92
CA LYS C 151 8.04 18.23 2.47
C LYS C 151 8.23 17.25 1.33
N ALA C 152 9.37 17.30 0.67
CA ALA C 152 9.59 16.47 -0.50
C ALA C 152 11.07 16.36 -0.80
N ILE C 153 11.41 15.28 -1.48
CA ILE C 153 12.76 15.05 -1.94
C ILE C 153 12.79 15.31 -3.44
N ALA C 154 13.56 16.33 -3.83
CA ALA C 154 13.82 16.62 -5.24
C ALA C 154 15.08 15.85 -5.63
N LEU C 155 14.89 14.71 -6.28
CA LEU C 155 16.02 13.85 -6.64
C LEU C 155 16.72 14.32 -7.91
N THR C 156 17.96 14.77 -7.75
CA THR C 156 18.82 15.06 -8.89
C THR C 156 19.52 13.76 -9.26
N VAL C 157 19.31 13.33 -10.49
CA VAL C 157 19.75 12.03 -10.98
C VAL C 157 21.27 11.92 -11.22
N ASP C 158 21.99 13.05 -11.12
CA ASP C 158 23.45 13.04 -11.24
C ASP C 158 24.12 14.42 -11.19
N THR C 159 25.44 14.38 -11.09
CA THR C 159 26.30 15.45 -11.58
C THR C 159 26.74 14.95 -12.97
N PRO C 160 27.54 15.72 -13.72
CA PRO C 160 27.91 15.24 -15.06
C PRO C 160 29.04 14.20 -15.01
N ARG C 161 29.99 14.28 -15.94
CA ARG C 161 31.14 13.38 -15.94
C ARG C 161 32.41 14.01 -16.54
N LEU C 162 33.51 13.25 -16.50
CA LEU C 162 34.81 13.69 -17.00
C LEU C 162 35.25 12.79 -18.17
N VAL C 174 35.99 28.41 -5.43
CA VAL C 174 36.21 27.78 -4.11
C VAL C 174 35.60 28.61 -2.97
N LEU C 175 35.02 27.91 -1.99
CA LEU C 175 34.36 28.54 -0.85
C LEU C 175 35.37 29.21 0.10
N PRO C 176 35.10 30.46 0.50
CA PRO C 176 35.96 31.13 1.49
C PRO C 176 35.75 30.52 2.87
N PRO C 177 36.80 30.56 3.73
CA PRO C 177 36.78 29.83 5.00
C PRO C 177 35.62 30.16 5.94
N PHE C 178 34.99 31.33 5.80
CA PHE C 178 33.86 31.66 6.64
C PHE C 178 32.52 31.00 6.24
N LEU C 179 32.49 30.32 5.10
CA LEU C 179 31.31 29.59 4.59
C LEU C 179 31.59 28.11 4.39
N THR C 180 30.66 27.25 4.80
CA THR C 180 30.84 25.82 4.56
C THR C 180 29.59 25.19 3.93
N LEU C 181 29.74 23.98 3.43
CA LEU C 181 28.59 23.23 2.93
C LEU C 181 27.85 22.64 4.14
N LYS C 182 26.83 23.35 4.59
CA LYS C 182 26.28 23.15 5.93
C LYS C 182 25.27 22.01 6.14
N ASN C 183 25.03 21.20 5.11
CA ASN C 183 24.15 20.03 5.26
C ASN C 183 24.91 18.75 5.61
N PHE C 184 26.23 18.79 5.44
CA PHE C 184 27.05 17.61 5.60
C PHE C 184 27.83 17.59 6.93
N GLU C 185 27.36 18.36 7.90
CA GLU C 185 28.04 18.47 9.19
C GLU C 185 27.50 17.47 10.21
N GLY C 186 27.42 16.20 9.80
CA GLY C 186 26.90 15.14 10.68
C GLY C 186 26.91 13.77 10.01
N LEU C 200 35.76 16.96 3.51
CA LEU C 200 34.37 17.28 3.21
C LEU C 200 34.23 17.97 1.86
N ALA C 201 35.17 18.86 1.55
CA ALA C 201 35.18 19.61 0.29
C ALA C 201 35.35 18.71 -0.93
N SER C 202 36.02 17.57 -0.75
CA SER C 202 36.24 16.59 -1.81
C SER C 202 35.40 15.32 -1.63
N TYR C 203 34.89 15.09 -0.42
CA TYR C 203 34.01 13.94 -0.14
C TYR C 203 32.70 14.06 -0.92
N VAL C 204 32.12 15.27 -0.92
CA VAL C 204 30.85 15.54 -1.60
C VAL C 204 30.94 15.31 -3.11
N ALA C 205 32.07 15.69 -3.70
CA ALA C 205 32.31 15.56 -5.12
C ALA C 205 32.71 14.13 -5.52
N GLY C 206 33.41 13.43 -4.63
CA GLY C 206 33.95 12.11 -4.95
C GLY C 206 33.10 10.93 -4.51
N GLN C 207 32.05 11.19 -3.74
CA GLN C 207 31.23 10.12 -3.16
C GLN C 207 29.87 9.94 -3.83
N ILE C 208 29.57 10.79 -4.80
CA ILE C 208 28.36 10.64 -5.59
C ILE C 208 28.38 9.34 -6.40
N ASP C 209 27.36 8.52 -6.19
CA ASP C 209 27.17 7.30 -6.93
C ASP C 209 26.95 7.64 -8.39
N ARG C 210 27.65 6.92 -9.26
CA ARG C 210 27.58 7.16 -10.69
C ARG C 210 26.79 6.05 -11.40
N THR C 211 26.20 5.15 -10.60
CA THR C 211 25.49 3.96 -11.11
C THR C 211 23.96 3.99 -10.84
N LEU C 212 23.44 5.18 -10.48
CA LEU C 212 22.00 5.34 -10.15
C LEU C 212 21.05 4.75 -11.18
N SER C 213 20.05 4.01 -10.68
CA SER C 213 19.01 3.44 -11.52
C SER C 213 17.65 3.53 -10.82
N TRP C 214 16.61 3.00 -11.45
CA TRP C 214 15.25 3.09 -10.90
C TRP C 214 15.05 2.43 -9.55
N LYS C 215 15.82 1.38 -9.28
CA LYS C 215 15.73 0.66 -8.00
C LYS C 215 16.23 1.50 -6.83
N ASP C 216 17.06 2.52 -7.11
CA ASP C 216 17.45 3.49 -6.09
C ASP C 216 16.28 4.40 -5.69
N VAL C 217 15.43 4.74 -6.67
CA VAL C 217 14.21 5.51 -6.38
C VAL C 217 13.25 4.68 -5.53
N GLN C 218 13.11 3.41 -5.89
CA GLN C 218 12.35 2.47 -5.07
C GLN C 218 12.95 2.37 -3.66
N TRP C 219 14.27 2.21 -3.58
CA TRP C 219 14.94 2.10 -2.26
C TRP C 219 14.64 3.27 -1.33
N LEU C 220 14.63 4.49 -1.88
CA LEU C 220 14.30 5.69 -1.12
C LEU C 220 12.96 5.62 -0.40
N GLN C 221 11.98 4.94 -1.00
CA GLN C 221 10.67 4.80 -0.37
C GLN C 221 10.64 3.77 0.78
N THR C 222 11.73 3.04 0.99
CA THR C 222 11.83 2.11 2.12
C THR C 222 12.37 2.78 3.41
N ILE C 223 12.94 3.97 3.30
CA ILE C 223 13.48 4.72 4.43
C ILE C 223 12.71 6.00 4.78
N THR C 224 11.83 6.46 3.88
CA THR C 224 11.02 7.65 4.13
C THR C 224 9.71 7.53 3.35
N SER C 225 8.67 8.19 3.84
CA SER C 225 7.41 8.25 3.11
C SER C 225 7.24 9.62 2.43
N LEU C 226 8.27 10.44 2.50
CA LEU C 226 8.30 11.71 1.77
C LEU C 226 8.18 11.48 0.27
N PRO C 227 7.39 12.31 -0.41
CA PRO C 227 7.27 12.29 -1.87
C PRO C 227 8.62 12.54 -2.55
N ILE C 228 8.88 11.80 -3.62
CA ILE C 228 10.10 11.92 -4.42
C ILE C 228 9.76 12.54 -5.77
N LEU C 229 10.37 13.69 -6.05
CA LEU C 229 10.27 14.25 -7.39
C LEU C 229 11.48 13.75 -8.17
N VAL C 230 11.29 13.35 -9.44
CA VAL C 230 12.41 12.93 -10.27
C VAL C 230 12.64 13.94 -11.40
N LYS C 231 13.85 14.49 -11.40
CA LYS C 231 14.33 15.53 -12.28
C LYS C 231 15.01 14.92 -13.49
N GLY C 232 14.76 15.49 -14.67
CA GLY C 232 15.51 15.15 -15.88
C GLY C 232 14.79 14.26 -16.87
N VAL C 233 13.48 14.05 -16.65
CA VAL C 233 12.70 13.14 -17.46
C VAL C 233 12.33 13.86 -18.76
N LEU C 234 12.78 13.33 -19.90
CA LEU C 234 12.52 13.99 -21.19
C LEU C 234 11.82 13.09 -22.19
N THR C 235 11.46 11.89 -21.75
CA THR C 235 10.78 10.92 -22.61
C THR C 235 9.54 10.33 -21.94
N ALA C 236 8.59 9.94 -22.80
CA ALA C 236 7.42 9.20 -22.38
C ALA C 236 7.88 7.96 -21.60
N GLU C 237 8.87 7.28 -22.18
CA GLU C 237 9.44 6.07 -21.60
C GLU C 237 9.89 6.27 -20.15
N ASP C 238 10.68 7.32 -19.89
CA ASP C 238 11.14 7.59 -18.52
C ASP C 238 10.04 8.15 -17.61
N ALA C 239 9.08 8.89 -18.17
CA ALA C 239 7.88 9.26 -17.39
C ALA C 239 7.10 8.00 -16.92
N ARG C 240 6.98 7.03 -17.83
CA ARG C 240 6.29 5.72 -17.58
C ARG C 240 6.96 5.03 -16.40
N LEU C 241 8.30 4.98 -16.47
CA LEU C 241 9.12 4.33 -15.46
C LEU C 241 9.08 5.05 -14.12
N ALA C 242 8.93 6.38 -14.15
CA ALA C 242 8.90 7.17 -12.93
C ALA C 242 7.62 6.86 -12.17
N VAL C 243 6.48 6.84 -12.89
CA VAL C 243 5.21 6.40 -12.33
C VAL C 243 5.38 5.02 -11.68
N GLN C 244 5.82 4.03 -12.44
CA GLN C 244 6.04 2.68 -11.93
C GLN C 244 6.97 2.58 -10.72
N ALA C 245 8.02 3.39 -10.67
CA ALA C 245 8.99 3.36 -9.57
C ALA C 245 8.47 3.99 -8.26
N GLY C 246 7.36 4.73 -8.34
CA GLY C 246 6.74 5.32 -7.15
C GLY C 246 6.97 6.83 -6.97
N ALA C 247 7.60 7.47 -7.96
CA ALA C 247 7.85 8.91 -7.89
C ALA C 247 6.53 9.67 -7.75
N ALA C 248 6.55 10.78 -7.01
CA ALA C 248 5.32 11.57 -6.79
C ALA C 248 5.19 12.74 -7.77
N GLY C 249 6.22 12.94 -8.58
CA GLY C 249 6.28 14.08 -9.47
C GLY C 249 7.44 13.94 -10.40
N ILE C 250 7.33 14.62 -11.54
CA ILE C 250 8.34 14.64 -12.59
C ILE C 250 8.75 16.07 -12.87
N ILE C 251 10.06 16.28 -12.93
CA ILE C 251 10.58 17.57 -13.35
C ILE C 251 11.27 17.34 -14.69
N VAL C 252 10.68 17.95 -15.71
CA VAL C 252 11.24 18.01 -17.05
C VAL C 252 12.31 19.10 -17.03
N SER C 253 13.57 18.68 -17.16
CA SER C 253 14.70 19.58 -16.96
C SER C 253 15.99 19.00 -17.51
N ASN C 254 16.77 19.84 -18.17
CA ASN C 254 18.05 19.44 -18.71
C ASN C 254 18.66 20.64 -19.39
N HIS C 255 19.70 21.20 -18.75
CA HIS C 255 20.32 22.43 -19.20
C HIS C 255 21.18 22.27 -20.43
N GLY C 256 21.53 21.03 -20.77
CA GLY C 256 22.30 20.72 -21.96
C GLY C 256 23.80 20.83 -21.73
N ALA C 257 24.56 20.72 -22.82
CA ALA C 257 26.02 20.81 -22.74
C ALA C 257 26.57 21.51 -23.99
N ARG C 258 26.57 22.84 -23.92
CA ARG C 258 26.85 23.71 -25.08
C ARG C 258 28.24 23.49 -25.67
N GLN C 259 29.22 23.21 -24.81
CA GLN C 259 30.58 22.89 -25.25
C GLN C 259 30.58 21.68 -26.17
N LEU C 260 29.79 20.67 -25.78
CA LEU C 260 29.70 19.40 -26.46
C LEU C 260 28.78 19.48 -27.67
N ASP C 261 28.09 20.60 -27.82
CA ASP C 261 27.01 20.75 -28.81
C ASP C 261 25.90 19.73 -28.58
N TYR C 262 25.62 19.48 -27.30
CA TYR C 262 24.63 18.51 -26.87
C TYR C 262 23.35 19.26 -26.52
N VAL C 263 22.36 19.21 -27.42
CA VAL C 263 21.12 19.99 -27.25
C VAL C 263 19.87 19.11 -27.17
N PRO C 264 19.19 19.09 -26.01
CA PRO C 264 17.89 18.42 -25.94
C PRO C 264 16.74 19.43 -26.04
N SER C 265 15.53 18.96 -26.31
CA SER C 265 14.38 19.86 -26.29
C SER C 265 13.51 19.56 -25.09
N THR C 266 13.60 20.38 -24.05
CA THR C 266 12.73 20.23 -22.90
C THR C 266 11.27 20.57 -23.23
N ILE C 267 11.07 21.60 -24.06
CA ILE C 267 9.73 22.11 -24.33
C ILE C 267 8.89 21.19 -25.22
N MET C 268 9.52 20.60 -26.23
CA MET C 268 8.89 19.56 -27.06
C MET C 268 8.66 18.29 -26.26
N ALA C 269 9.53 18.05 -25.29
CA ALA C 269 9.40 16.87 -24.42
C ALA C 269 8.28 17.01 -23.38
N LEU C 270 7.95 18.25 -23.01
CA LEU C 270 7.02 18.51 -21.90
C LEU C 270 5.69 17.80 -22.11
N GLU C 271 5.09 18.06 -23.27
CA GLU C 271 3.78 17.55 -23.64
C GLU C 271 3.79 16.03 -23.70
N GLU C 272 4.84 15.47 -24.30
CA GLU C 272 4.98 14.02 -24.38
C GLU C 272 5.08 13.38 -22.98
N VAL C 273 5.88 13.97 -22.10
CA VAL C 273 6.03 13.49 -20.72
C VAL C 273 4.73 13.66 -19.94
N VAL C 274 4.01 14.75 -20.21
CA VAL C 274 2.70 15.00 -19.60
C VAL C 274 1.66 13.95 -20.01
N LYS C 275 1.68 13.56 -21.29
CA LYS C 275 0.75 12.55 -21.78
C LYS C 275 1.03 11.19 -21.18
N ALA C 276 2.30 10.79 -21.21
CA ALA C 276 2.73 9.51 -20.68
C ALA C 276 2.46 9.37 -19.18
N ALA C 277 2.41 10.48 -18.44
CA ALA C 277 2.14 10.43 -17.01
C ALA C 277 0.67 10.13 -16.72
N GLN C 278 -0.20 10.39 -17.70
CA GLN C 278 -1.64 10.10 -17.63
C GLN C 278 -2.38 10.72 -16.42
N GLY C 279 -2.01 11.95 -16.04
CA GLY C 279 -2.63 12.62 -14.89
C GLY C 279 -2.43 11.97 -13.52
N ARG C 280 -1.59 10.94 -13.46
CA ARG C 280 -1.33 10.21 -12.22
C ARG C 280 -0.50 10.99 -11.22
N ILE C 281 0.57 11.62 -11.71
CA ILE C 281 1.42 12.49 -10.90
C ILE C 281 1.67 13.80 -11.67
N PRO C 282 2.01 14.88 -10.95
CA PRO C 282 2.25 16.17 -11.61
C PRO C 282 3.59 16.25 -12.36
N VAL C 283 3.62 17.07 -13.41
CA VAL C 283 4.83 17.29 -14.17
C VAL C 283 5.20 18.77 -14.11
N PHE C 284 6.46 19.06 -13.79
CA PHE C 284 6.92 20.42 -13.66
C PHE C 284 7.97 20.74 -14.71
N LEU C 285 8.15 22.02 -15.00
CA LEU C 285 9.18 22.46 -15.92
C LEU C 285 10.24 23.32 -15.20
N ASP C 286 11.50 23.00 -15.45
CA ASP C 286 12.63 23.80 -15.01
C ASP C 286 13.56 24.09 -16.18
N GLY C 287 13.71 25.36 -16.53
CA GLY C 287 14.70 25.72 -17.51
C GLY C 287 14.26 26.88 -18.35
N GLY C 288 14.97 27.99 -18.19
CA GLY C 288 14.72 29.17 -18.99
C GLY C 288 13.39 29.90 -18.80
N VAL C 289 12.65 29.61 -17.72
CA VAL C 289 11.39 30.35 -17.48
C VAL C 289 11.72 31.74 -16.93
N ARG C 290 11.43 32.77 -17.74
CA ARG C 290 11.75 34.15 -17.41
C ARG C 290 10.56 35.09 -17.52
N ARG C 291 9.48 34.63 -18.17
CA ARG C 291 8.34 35.51 -18.39
C ARG C 291 7.04 34.91 -17.87
N GLY C 292 6.12 35.76 -17.48
CA GLY C 292 4.75 35.31 -17.21
C GLY C 292 4.17 34.54 -18.38
N THR C 293 4.44 35.01 -19.61
CA THR C 293 4.02 34.29 -20.82
C THR C 293 4.61 32.87 -20.95
N ASP C 294 5.88 32.70 -20.55
CA ASP C 294 6.52 31.36 -20.53
C ASP C 294 5.83 30.41 -19.57
N VAL C 295 5.45 30.94 -18.40
CA VAL C 295 4.76 30.19 -17.36
C VAL C 295 3.44 29.65 -17.91
N PHE C 296 2.68 30.53 -18.59
CA PHE C 296 1.38 30.19 -19.17
C PHE C 296 1.61 29.10 -20.21
N LYS C 297 2.61 29.31 -21.05
CA LYS C 297 2.96 28.35 -22.09
C LYS C 297 3.22 26.97 -21.52
N ALA C 298 3.98 26.90 -20.43
CA ALA C 298 4.25 25.62 -19.79
C ALA C 298 2.99 24.93 -19.27
N LEU C 299 2.09 25.71 -18.65
CA LEU C 299 0.87 25.14 -18.09
C LEU C 299 -0.09 24.67 -19.18
N ALA C 300 -0.20 25.46 -20.24
CA ALA C 300 -1.05 25.10 -21.38
C ALA C 300 -0.56 23.82 -22.06
N LEU C 301 0.76 23.60 -22.00
CA LEU C 301 1.38 22.36 -22.46
C LEU C 301 1.16 21.16 -21.51
N GLY C 302 0.66 21.41 -20.31
CA GLY C 302 0.36 20.30 -19.37
C GLY C 302 1.13 20.29 -18.06
N ALA C 303 2.16 21.13 -17.94
CA ALA C 303 2.88 21.25 -16.67
C ALA C 303 1.95 21.78 -15.56
N SER C 304 2.13 21.28 -14.34
CA SER C 304 1.29 21.65 -13.20
C SER C 304 1.90 22.89 -12.58
N GLY C 305 3.17 23.13 -12.94
CA GLY C 305 3.93 24.23 -12.38
C GLY C 305 5.33 24.36 -12.96
N ILE C 306 5.98 25.42 -12.51
CA ILE C 306 7.27 25.88 -13.00
C ILE C 306 8.23 26.15 -11.84
N PHE C 307 9.50 25.80 -12.04
CA PHE C 307 10.59 26.26 -11.18
C PHE C 307 11.43 27.28 -11.93
N ILE C 308 11.96 28.26 -11.19
CA ILE C 308 12.99 29.19 -11.68
C ILE C 308 14.26 29.07 -10.83
N GLY C 309 15.43 29.12 -11.50
CA GLY C 309 16.73 28.97 -10.83
C GLY C 309 17.64 30.19 -10.87
N ARG C 310 18.28 30.42 -12.03
CA ARG C 310 19.17 31.58 -12.19
C ARG C 310 18.56 32.92 -11.77
N PRO C 311 17.31 33.21 -12.18
CA PRO C 311 16.70 34.50 -11.82
C PRO C 311 16.77 34.82 -10.32
N VAL C 312 16.55 33.81 -9.48
CA VAL C 312 16.56 33.97 -8.03
C VAL C 312 17.96 34.35 -7.50
N VAL C 313 18.99 33.62 -7.93
CA VAL C 313 20.37 33.91 -7.52
C VAL C 313 20.81 35.29 -7.98
N PHE C 314 20.43 35.64 -9.22
CA PHE C 314 20.83 36.91 -9.79
C PHE C 314 20.21 38.09 -9.03
N SER C 315 18.90 38.00 -8.78
CA SER C 315 18.20 39.02 -8.02
C SER C 315 18.71 39.08 -6.56
N LEU C 316 19.02 37.93 -5.97
CA LEU C 316 19.72 37.83 -4.67
C LEU C 316 21.04 38.65 -4.65
N ALA C 317 21.87 38.46 -5.66
CA ALA C 317 23.13 39.19 -5.80
C ALA C 317 22.91 40.69 -5.98
N ALA C 318 21.86 41.03 -6.72
CA ALA C 318 21.62 42.40 -7.11
C ALA C 318 21.06 43.24 -5.97
N GLU C 319 20.16 42.62 -5.19
CA GLU C 319 19.34 43.36 -4.21
C GLU C 319 18.93 42.56 -2.96
N GLY C 320 19.58 41.42 -2.73
CA GLY C 320 19.24 40.59 -1.57
C GLY C 320 17.83 40.04 -1.64
N GLU C 321 17.19 39.92 -0.47
CA GLU C 321 15.83 39.40 -0.37
C GLU C 321 14.79 40.22 -1.13
N ALA C 322 14.97 41.54 -1.13
CA ALA C 322 14.09 42.43 -1.89
C ALA C 322 14.09 42.12 -3.41
N GLY C 323 15.25 41.72 -3.92
CA GLY C 323 15.41 41.33 -5.31
C GLY C 323 14.62 40.08 -5.62
N ILE C 324 14.74 39.06 -4.76
CA ILE C 324 13.99 37.81 -4.93
C ILE C 324 12.49 38.11 -4.85
N LYS C 325 12.11 38.90 -3.84
CA LYS C 325 10.71 39.34 -3.74
C LYS C 325 10.24 39.99 -5.04
N LYS C 326 11.03 40.93 -5.56
CA LYS C 326 10.67 41.66 -6.77
C LYS C 326 10.58 40.74 -8.01
N VAL C 327 11.48 39.75 -8.08
CA VAL C 327 11.49 38.79 -9.17
C VAL C 327 10.21 37.96 -9.19
N LEU C 328 9.76 37.56 -8.00
CA LEU C 328 8.58 36.71 -7.88
C LEU C 328 7.32 37.50 -8.20
N GLN C 329 7.28 38.74 -7.71
CA GLN C 329 6.14 39.63 -7.92
C GLN C 329 5.99 40.00 -9.40
N MET C 330 7.14 40.12 -10.08
CA MET C 330 7.21 40.45 -11.51
C MET C 330 6.66 39.31 -12.37
N LEU C 331 7.14 38.09 -12.13
CA LEU C 331 6.72 36.91 -12.88
C LEU C 331 5.23 36.69 -12.69
N ARG C 332 4.80 36.85 -11.44
CA ARG C 332 3.41 36.75 -11.03
C ARG C 332 2.52 37.78 -11.73
N ASP C 333 3.00 39.00 -11.87
CA ASP C 333 2.21 40.07 -12.46
C ASP C 333 2.03 39.87 -13.96
N GLU C 334 3.10 39.48 -14.64
CA GLU C 334 3.08 39.13 -16.06
C GLU C 334 2.19 37.93 -16.32
N PHE C 335 2.30 36.93 -15.45
CA PHE C 335 1.47 35.75 -15.53
C PHE C 335 -0.01 36.10 -15.38
N GLU C 336 -0.37 36.84 -14.33
CA GLU C 336 -1.75 37.29 -14.14
C GLU C 336 -2.30 38.03 -15.37
N LEU C 337 -1.54 39.00 -15.88
CA LEU C 337 -1.91 39.76 -17.09
C LEU C 337 -2.10 38.82 -18.27
N THR C 338 -1.19 37.87 -18.40
CA THR C 338 -1.23 36.87 -19.46
C THR C 338 -2.48 36.04 -19.46
N MET C 339 -2.90 35.62 -18.27
CA MET C 339 -4.17 34.91 -18.08
C MET C 339 -5.37 35.79 -18.44
N ALA C 340 -5.33 37.05 -17.98
CA ALA C 340 -6.40 38.03 -18.23
C ALA C 340 -6.58 38.21 -19.73
N LEU C 341 -5.47 38.40 -20.43
CA LEU C 341 -5.43 38.54 -21.88
C LEU C 341 -5.91 37.33 -22.67
N SER C 342 -5.79 36.14 -22.09
CA SER C 342 -6.12 34.92 -22.83
C SER C 342 -7.52 34.43 -22.55
N GLY C 343 -8.16 35.03 -21.55
CA GLY C 343 -9.51 34.63 -21.14
C GLY C 343 -9.57 33.52 -20.12
N CYS C 344 -8.57 33.45 -19.24
CA CYS C 344 -8.43 32.37 -18.24
C CYS C 344 -8.45 32.96 -16.83
N ARG C 345 -9.42 32.53 -16.03
CA ARG C 345 -9.66 33.15 -14.74
C ARG C 345 -9.08 32.33 -13.58
N SER C 346 -8.63 31.12 -13.90
CA SER C 346 -7.97 30.24 -12.94
C SER C 346 -7.07 29.31 -13.76
N LEU C 347 -6.20 28.55 -13.10
CA LEU C 347 -5.24 27.66 -13.79
C LEU C 347 -5.94 26.55 -14.60
N ASN C 348 -7.13 26.16 -14.17
CA ASN C 348 -7.88 25.11 -14.86
C ASN C 348 -8.42 25.57 -16.22
N GLU C 349 -8.54 26.89 -16.40
CA GLU C 349 -8.90 27.49 -17.71
C GLU C 349 -7.72 27.66 -18.67
N ILE C 350 -6.53 27.27 -18.22
CA ILE C 350 -5.36 27.31 -19.09
C ILE C 350 -5.33 25.98 -19.84
N THR C 351 -5.83 25.98 -21.07
CA THR C 351 -5.88 24.76 -21.85
C THR C 351 -4.86 24.76 -22.98
N ARG C 352 -4.65 23.57 -23.54
CA ARG C 352 -3.81 23.38 -24.72
C ARG C 352 -4.25 24.26 -25.89
N ASN C 353 -5.56 24.51 -25.99
CA ASN C 353 -6.13 25.31 -27.08
C ASN C 353 -5.94 26.82 -26.97
N HIS C 354 -5.34 27.27 -25.87
CA HIS C 354 -4.98 28.70 -25.73
C HIS C 354 -3.62 29.03 -26.30
N ILE C 355 -2.94 28.04 -26.89
CA ILE C 355 -1.63 28.29 -27.51
C ILE C 355 -1.52 27.62 -28.88
N VAL C 356 -0.64 28.14 -29.72
CA VAL C 356 -0.33 27.51 -31.00
C VAL C 356 1.17 27.33 -31.12
N THR C 357 1.56 26.08 -31.38
CA THR C 357 2.95 25.74 -31.53
C THR C 357 3.23 25.42 -33.00
N GLU C 358 4.49 25.40 -33.38
CA GLU C 358 4.88 25.05 -34.75
C GLU C 358 4.66 23.58 -35.10
N TRP C 359 4.38 22.73 -34.11
CA TRP C 359 4.06 21.32 -34.38
C TRP C 359 2.59 21.00 -34.43
N ASP C 360 1.76 21.99 -34.17
CA ASP C 360 0.31 21.85 -34.26
C ASP C 360 -0.17 21.67 -35.71
#